data_6IGB
#
_entry.id   6IGB
#
_cell.length_a   91.763
_cell.length_b   91.763
_cell.length_c   170.708
_cell.angle_alpha   90.00
_cell.angle_beta   90.00
_cell.angle_gamma   90.00
#
_symmetry.space_group_name_H-M   'P 41 21 2'
#
loop_
_entity.id
_entity.type
_entity.pdbx_description
1 polymer 'Periplasmic gluconolactonase, PpgL'
2 non-polymer 'SULFATE ION'
3 non-polymer 'ACETATE ION'
4 water water
#
_entity_poly.entity_id   1
_entity_poly.type   'polypeptide(L)'
_entity_poly.pdbx_seq_one_letter_code
;ASLYNLLVGTYTEGSSEGIQVYRFDGADGSVKGPLRVAHTSNPSYLTFAPDQRTLFVVNENGRGGKGDTVGRATSYRFDP
ISGRLQQISQVQTLADHPTYSSLSHDGRYLFVANYSVQPEGSVAVLPVRADGSLAPVVQVESHQASKVHPRQVSGHVHSV
VSSPDGQYLFAPDLGADKVFVYRYAPEQAERPLQAADPAFVPTPPGSGPRHLIFSADGRFAYLTLELSGQVMVFAHEGNG
RLRQLQTHDLAPAGFQGKVGAGALHLSADGRFLGVLNRGDDNQLVTFAVDPASGQLRFVERRSVEGTEPREFAFSPGGRF
VLVANQNSDQLRVFARDPQSGQVGKTLQSVEVGSPSDLRFVAVP
;
_entity_poly.pdbx_strand_id   A,B
#
# COMPACT_ATOMS: atom_id res chain seq x y z
N SER A 2 -36.15 -19.52 22.44
CA SER A 2 -34.74 -19.53 22.10
C SER A 2 -34.36 -18.27 21.31
N LEU A 3 -34.12 -17.17 22.04
CA LEU A 3 -34.04 -15.85 21.42
C LEU A 3 -32.58 -15.38 21.30
N TYR A 4 -32.26 -14.87 20.12
CA TYR A 4 -30.94 -14.36 19.78
C TYR A 4 -31.08 -12.95 19.25
N ASN A 5 -30.11 -12.11 19.56
CA ASN A 5 -29.89 -10.92 18.77
C ASN A 5 -29.41 -11.33 17.38
N LEU A 6 -29.94 -10.66 16.36
CA LEU A 6 -29.49 -10.84 14.99
C LEU A 6 -29.03 -9.46 14.51
N LEU A 7 -27.72 -9.28 14.43
CA LEU A 7 -27.16 -8.03 13.97
C LEU A 7 -26.99 -8.11 12.47
N VAL A 8 -27.48 -7.09 11.76
CA VAL A 8 -27.44 -7.06 10.30
C VAL A 8 -26.57 -5.89 9.85
N GLY A 9 -25.45 -6.23 9.18
CA GLY A 9 -24.71 -5.20 8.48
C GLY A 9 -25.38 -4.82 7.18
N THR A 10 -25.12 -3.60 6.72
CA THR A 10 -25.82 -3.08 5.55
C THR A 10 -24.92 -2.10 4.82
N TYR A 11 -25.28 -1.85 3.56
CA TYR A 11 -24.84 -0.63 2.88
C TYR A 11 -25.89 0.45 3.11
N THR A 12 -25.44 1.67 3.32
CA THR A 12 -26.29 2.78 3.63
C THR A 12 -26.61 3.76 2.52
N GLU A 13 -26.59 3.33 1.29
CA GLU A 13 -26.93 4.23 0.21
C GLU A 13 -28.46 4.41 0.04
N GLY A 14 -29.22 3.49 0.60
CA GLY A 14 -30.65 3.52 0.56
C GLY A 14 -31.30 3.87 1.90
N SER A 15 -32.30 3.12 2.27
CA SER A 15 -33.00 3.36 3.51
C SER A 15 -32.26 3.01 4.79
N SER A 16 -31.27 2.15 4.72
CA SER A 16 -30.60 1.84 5.94
C SER A 16 -29.72 2.94 6.47
N GLU A 17 -29.67 3.10 7.78
CA GLU A 17 -28.82 4.10 8.39
C GLU A 17 -27.64 3.52 9.15
N GLY A 18 -27.49 2.21 9.12
CA GLY A 18 -26.40 1.57 9.78
C GLY A 18 -26.58 0.11 10.18
N ILE A 19 -26.08 -0.24 11.35
CA ILE A 19 -26.21 -1.61 11.86
C ILE A 19 -27.59 -1.77 12.49
N GLN A 20 -28.34 -2.76 12.03
CA GLN A 20 -29.68 -2.99 12.54
C GLN A 20 -29.70 -4.20 13.45
N VAL A 21 -30.37 -4.07 14.58
CA VAL A 21 -30.42 -5.12 15.58
C VAL A 21 -31.83 -5.71 15.59
N TYR A 22 -31.95 -6.97 15.21
CA TYR A 22 -33.18 -7.73 15.22
C TYR A 22 -33.13 -8.79 16.30
N ARG A 23 -34.26 -9.46 16.48
CA ARG A 23 -34.34 -10.58 17.38
C ARG A 23 -34.82 -11.81 16.60
N PHE A 24 -34.15 -12.90 16.78
CA PHE A 24 -34.45 -14.18 16.14
C PHE A 24 -34.88 -15.23 17.17
N ASP A 25 -35.99 -15.91 16.88
CA ASP A 25 -36.46 -16.94 17.77
C ASP A 25 -36.15 -18.31 17.19
N GLY A 26 -35.32 -19.08 17.86
CA GLY A 26 -34.95 -20.38 17.38
C GLY A 26 -36.06 -21.37 17.43
N ALA A 27 -37.11 -21.01 18.14
CA ALA A 27 -38.27 -21.87 18.26
C ALA A 27 -39.16 -21.90 17.02
N ASP A 28 -39.31 -20.80 16.31
CA ASP A 28 -40.14 -20.77 15.13
C ASP A 28 -39.49 -20.13 13.92
N GLY A 29 -38.27 -19.63 14.08
CA GLY A 29 -37.59 -18.98 13.00
C GLY A 29 -37.95 -17.52 12.75
N SER A 30 -38.82 -16.94 13.57
CA SER A 30 -39.22 -15.57 13.31
C SER A 30 -38.14 -14.53 13.55
N VAL A 31 -38.18 -13.50 12.73
CA VAL A 31 -37.31 -12.36 12.85
C VAL A 31 -38.19 -11.13 13.16
N LYS A 32 -37.85 -10.42 14.23
CA LYS A 32 -38.60 -9.24 14.63
C LYS A 32 -37.70 -8.03 14.84
N GLY A 33 -38.21 -6.85 14.50
CA GLY A 33 -37.45 -5.62 14.66
C GLY A 33 -37.55 -4.69 13.47
N PRO A 34 -36.56 -3.82 13.32
CA PRO A 34 -35.44 -3.78 14.27
C PRO A 34 -35.72 -3.17 15.62
N LEU A 35 -34.92 -3.51 16.61
CA LEU A 35 -35.04 -2.95 17.91
C LEU A 35 -34.30 -1.61 17.99
N ARG A 36 -33.09 -1.57 17.44
CA ARG A 36 -32.20 -0.41 17.47
C ARG A 36 -31.45 -0.38 16.14
N VAL A 37 -31.00 0.80 15.77
CA VAL A 37 -30.08 0.94 14.65
C VAL A 37 -28.91 1.80 15.11
N ALA A 38 -27.69 1.32 14.90
CA ALA A 38 -26.50 2.14 15.17
C ALA A 38 -26.17 2.90 13.90
N HIS A 39 -26.28 4.22 13.93
CA HIS A 39 -26.07 5.03 12.72
C HIS A 39 -24.58 5.10 12.36
N THR A 40 -24.21 4.57 11.21
CA THR A 40 -22.83 4.64 10.74
C THR A 40 -22.82 4.32 9.25
N SER A 41 -21.72 4.69 8.58
CA SER A 41 -21.66 4.58 7.13
C SER A 41 -21.24 3.19 6.69
N ASN A 42 -22.03 2.58 5.80
CA ASN A 42 -21.73 1.32 5.13
C ASN A 42 -21.08 0.26 6.03
N PRO A 43 -21.73 -0.07 7.17
CA PRO A 43 -21.16 -1.11 8.07
C PRO A 43 -21.38 -2.52 7.53
N SER A 44 -20.58 -2.93 6.55
CA SER A 44 -21.01 -4.04 5.71
C SER A 44 -20.59 -5.40 6.25
N TYR A 45 -19.68 -5.45 7.22
CA TYR A 45 -19.20 -6.72 7.75
C TYR A 45 -18.94 -6.56 9.25
N LEU A 46 -19.33 -7.57 10.02
CA LEU A 46 -19.32 -7.51 11.49
C LEU A 46 -18.42 -8.60 12.06
N THR A 47 -17.55 -8.23 13.00
CA THR A 47 -16.64 -9.17 13.65
C THR A 47 -16.72 -8.98 15.16
N PHE A 48 -17.11 -10.03 15.89
CA PHE A 48 -17.15 -10.00 17.34
C PHE A 48 -15.89 -10.62 17.94
N ALA A 49 -15.41 -10.03 19.03
CA ALA A 49 -14.47 -10.69 19.91
C ALA A 49 -15.14 -11.85 20.64
N PRO A 50 -14.36 -12.79 21.20
CA PRO A 50 -14.96 -13.94 21.89
C PRO A 50 -15.88 -13.59 23.04
N ASP A 51 -15.77 -12.38 23.61
CA ASP A 51 -16.71 -11.99 24.66
C ASP A 51 -18.12 -11.79 24.12
N GLN A 52 -18.29 -11.73 22.79
CA GLN A 52 -19.56 -11.44 22.16
C GLN A 52 -20.17 -10.13 22.66
N ARG A 53 -19.31 -9.23 23.13
CA ARG A 53 -19.71 -7.89 23.52
C ARG A 53 -18.90 -6.81 22.82
N THR A 54 -17.72 -7.13 22.31
CA THR A 54 -16.89 -6.15 21.63
C THR A 54 -17.00 -6.41 20.13
N LEU A 55 -17.47 -5.42 19.39
CA LEU A 55 -17.82 -5.59 17.98
C LEU A 55 -16.94 -4.69 17.11
N PHE A 56 -16.39 -5.24 16.03
CA PHE A 56 -15.57 -4.52 15.09
C PHE A 56 -16.29 -4.54 13.74
N VAL A 57 -16.39 -3.35 13.15
CA VAL A 57 -17.10 -3.11 11.93
C VAL A 57 -16.28 -2.37 10.88
N VAL A 58 -16.44 -2.77 9.63
CA VAL A 58 -15.80 -2.06 8.55
C VAL A 58 -16.83 -1.12 7.93
N ASN A 59 -16.39 0.09 7.61
CA ASN A 59 -17.21 1.10 6.96
C ASN A 59 -16.72 1.13 5.53
N GLU A 60 -17.47 0.45 4.69
CA GLU A 60 -17.06 0.23 3.35
C GLU A 60 -17.32 1.40 2.43
N ASN A 61 -16.56 2.46 2.67
CA ASN A 61 -16.62 3.72 1.94
C ASN A 61 -15.51 3.78 0.91
N GLY A 62 -15.79 4.46 -0.21
CA GLY A 62 -14.80 4.63 -1.26
C GLY A 62 -14.96 5.97 -1.94
N ARG A 63 -13.97 6.31 -2.72
CA ARG A 63 -13.88 7.61 -3.30
C ARG A 63 -15.00 8.11 -4.17
N GLY A 64 -15.75 7.21 -4.76
CA GLY A 64 -16.86 7.58 -5.60
C GLY A 64 -18.21 7.58 -4.91
N GLY A 65 -18.17 7.61 -3.60
CA GLY A 65 -19.37 7.56 -2.84
C GLY A 65 -19.91 8.92 -2.59
N LYS A 66 -21.15 8.96 -2.19
CA LYS A 66 -21.82 10.17 -1.90
C LYS A 66 -22.00 9.89 -0.48
N GLY A 67 -21.29 10.58 0.36
CA GLY A 67 -21.33 10.39 1.78
C GLY A 67 -19.88 10.43 2.18
N ASP A 68 -19.48 9.59 3.10
CA ASP A 68 -18.09 9.50 3.50
C ASP A 68 -17.34 8.80 2.37
N THR A 69 -16.13 9.23 2.09
CA THR A 69 -15.35 8.68 0.98
C THR A 69 -14.07 7.92 1.28
N VAL A 70 -13.77 7.73 2.54
CA VAL A 70 -12.55 6.98 2.87
C VAL A 70 -12.94 5.79 3.72
N GLY A 71 -12.20 4.69 3.56
CA GLY A 71 -12.47 3.51 4.35
C GLY A 71 -12.15 3.74 5.81
N ARG A 72 -13.01 3.20 6.68
CA ARG A 72 -12.81 3.28 8.13
C ARG A 72 -13.13 1.92 8.75
N ALA A 73 -12.67 1.75 9.98
CA ALA A 73 -13.09 0.65 10.83
C ALA A 73 -13.55 1.25 12.15
N THR A 74 -14.61 0.67 12.73
CA THR A 74 -15.21 1.23 13.93
C THR A 74 -15.36 0.12 14.96
N SER A 75 -15.08 0.42 16.24
CA SER A 75 -15.33 -0.57 17.26
C SER A 75 -16.50 -0.12 18.15
N TYR A 76 -17.20 -1.12 18.70
CA TYR A 76 -18.44 -0.94 19.46
C TYR A 76 -18.43 -1.85 20.67
N ARG A 77 -19.18 -1.45 21.70
CA ARG A 77 -19.61 -2.39 22.72
C ARG A 77 -21.10 -2.68 22.53
N PHE A 78 -21.47 -3.94 22.72
CA PHE A 78 -22.83 -4.41 22.43
C PHE A 78 -23.45 -4.93 23.72
N ASP A 79 -24.67 -4.46 24.02
CA ASP A 79 -25.44 -5.01 25.13
C ASP A 79 -26.46 -6.00 24.56
N PRO A 80 -26.29 -7.29 24.75
CA PRO A 80 -27.22 -8.26 24.16
C PRO A 80 -28.56 -8.36 24.89
N ILE A 81 -28.73 -7.66 26.02
CA ILE A 81 -30.05 -7.62 26.68
C ILE A 81 -30.94 -6.57 26.03
N SER A 82 -30.49 -5.32 25.99
CA SER A 82 -31.26 -4.24 25.38
C SER A 82 -31.08 -4.13 23.88
N GLY A 83 -29.99 -4.63 23.34
CA GLY A 83 -29.75 -4.46 21.94
C GLY A 83 -28.92 -3.21 21.63
N ARG A 84 -28.61 -2.42 22.63
CA ARG A 84 -27.85 -1.22 22.46
C ARG A 84 -26.39 -1.43 21.98
N LEU A 85 -25.92 -0.54 21.14
CA LEU A 85 -24.57 -0.54 20.60
C LEU A 85 -23.94 0.81 21.00
N GLN A 86 -22.72 0.82 21.52
CA GLN A 86 -22.08 2.05 21.88
C GLN A 86 -20.78 2.12 21.11
N GLN A 87 -20.62 3.19 20.38
CA GLN A 87 -19.40 3.37 19.64
C GLN A 87 -18.24 3.63 20.54
N ILE A 88 -17.12 2.92 20.32
CA ILE A 88 -15.92 3.09 21.12
C ILE A 88 -14.86 3.91 20.38
N SER A 89 -14.65 3.62 19.10
CA SER A 89 -13.56 4.27 18.38
C SER A 89 -13.78 4.10 16.87
N GLN A 90 -13.03 4.89 16.11
CA GLN A 90 -13.11 4.85 14.65
C GLN A 90 -11.82 5.40 14.06
N VAL A 91 -11.21 4.64 13.13
CA VAL A 91 -9.96 5.05 12.48
C VAL A 91 -10.03 4.74 10.99
N GLN A 92 -9.17 5.42 10.22
CA GLN A 92 -9.09 5.15 8.79
C GLN A 92 -8.38 3.84 8.53
N THR A 93 -8.74 3.18 7.42
CA THR A 93 -8.06 1.95 7.02
C THR A 93 -7.02 2.19 5.93
N LEU A 94 -6.89 3.43 5.42
CA LEU A 94 -5.88 3.86 4.45
C LEU A 94 -6.16 3.36 3.02
N ALA A 95 -7.35 2.82 2.76
CA ALA A 95 -7.73 2.47 1.40
C ALA A 95 -9.25 2.34 1.34
N ASP A 96 -9.78 2.36 0.12
CA ASP A 96 -11.21 2.33 -0.09
C ASP A 96 -11.81 0.94 0.16
N HIS A 97 -13.10 0.96 0.50
CA HIS A 97 -13.95 -0.23 0.59
C HIS A 97 -13.40 -1.37 1.45
N PRO A 98 -13.04 -1.11 2.71
CA PRO A 98 -12.75 -2.23 3.60
C PRO A 98 -14.02 -3.07 3.75
N THR A 99 -13.88 -4.37 3.52
CA THR A 99 -15.04 -5.22 3.28
C THR A 99 -15.07 -6.45 4.17
N TYR A 100 -14.06 -6.64 5.01
CA TYR A 100 -13.95 -7.82 5.85
C TYR A 100 -12.92 -7.50 6.91
N SER A 101 -13.07 -8.10 8.08
CA SER A 101 -12.03 -7.95 9.10
C SER A 101 -12.03 -9.19 9.99
N SER A 102 -10.90 -9.37 10.68
CA SER A 102 -10.79 -10.46 11.65
C SER A 102 -9.78 -10.07 12.72
N LEU A 103 -10.01 -10.53 13.91
CA LEU A 103 -9.12 -10.27 15.00
C LEU A 103 -7.97 -11.30 15.07
N SER A 104 -6.80 -10.84 15.42
CA SER A 104 -5.67 -11.73 15.60
C SER A 104 -6.04 -12.59 16.79
N HIS A 105 -5.47 -13.78 16.85
CA HIS A 105 -5.87 -14.70 17.89
C HIS A 105 -5.57 -14.36 19.31
N ASP A 106 -4.69 -13.43 19.51
CA ASP A 106 -4.44 -12.90 20.83
C ASP A 106 -5.21 -11.62 21.11
N GLY A 107 -6.00 -11.13 20.15
CA GLY A 107 -6.76 -9.90 20.32
C GLY A 107 -5.98 -8.61 20.12
N ARG A 108 -4.70 -8.71 19.77
CA ARG A 108 -3.84 -7.53 19.63
C ARG A 108 -4.03 -6.66 18.39
N TYR A 109 -4.65 -7.20 17.35
CA TYR A 109 -4.87 -6.48 16.14
C TYR A 109 -6.13 -6.90 15.43
N LEU A 110 -6.62 -5.98 14.60
CA LEU A 110 -7.71 -6.20 13.70
C LEU A 110 -7.10 -6.16 12.29
N PHE A 111 -7.21 -7.25 11.58
CA PHE A 111 -6.79 -7.29 10.19
C PHE A 111 -7.97 -6.88 9.34
N VAL A 112 -7.72 -6.05 8.35
CA VAL A 112 -8.78 -5.47 7.54
C VAL A 112 -8.48 -5.72 6.06
N ALA A 113 -9.48 -6.18 5.31
CA ALA A 113 -9.37 -6.40 3.86
C ALA A 113 -9.91 -5.15 3.16
N ASN A 114 -9.02 -4.32 2.63
CA ASN A 114 -9.45 -3.18 1.82
C ASN A 114 -9.66 -3.66 0.39
N TYR A 115 -10.92 -3.69 -0.06
CA TYR A 115 -11.21 -4.16 -1.41
C TYR A 115 -10.80 -3.12 -2.46
N SER A 116 -11.18 -1.86 -2.24
CA SER A 116 -10.89 -0.72 -3.11
C SER A 116 -11.17 -0.78 -4.61
N VAL A 117 -12.45 -0.67 -4.99
CA VAL A 117 -12.82 -0.65 -6.40
C VAL A 117 -11.80 0.01 -7.34
N GLN A 118 -11.30 1.20 -6.95
CA GLN A 118 -10.21 1.85 -7.68
C GLN A 118 -8.89 1.48 -7.02
N PRO A 119 -7.77 1.62 -7.73
CA PRO A 119 -6.47 1.26 -7.13
C PRO A 119 -6.24 2.09 -5.87
N GLU A 120 -5.75 1.44 -4.80
CA GLU A 120 -5.33 0.04 -4.72
C GLU A 120 -5.90 -0.58 -3.44
N GLY A 121 -6.31 -1.85 -3.45
CA GLY A 121 -6.68 -2.54 -2.24
C GLY A 121 -5.45 -2.96 -1.44
N SER A 122 -5.69 -3.55 -0.26
CA SER A 122 -4.59 -3.92 0.63
C SER A 122 -5.10 -4.72 1.81
N VAL A 123 -4.16 -5.34 2.54
CA VAL A 123 -4.38 -5.77 3.92
C VAL A 123 -3.93 -4.63 4.82
N ALA A 124 -4.77 -4.21 5.77
CA ALA A 124 -4.39 -3.20 6.75
C ALA A 124 -4.36 -3.82 8.14
N VAL A 125 -3.43 -3.36 8.95
CA VAL A 125 -3.27 -3.87 10.28
C VAL A 125 -3.52 -2.75 11.28
N LEU A 126 -4.53 -2.96 12.10
CA LEU A 126 -4.91 -2.02 13.12
C LEU A 126 -4.75 -2.58 14.56
N PRO A 127 -3.91 -1.83 15.36
CA PRO A 127 -3.79 -2.28 16.74
C PRO A 127 -5.11 -2.07 17.51
N VAL A 128 -5.36 -2.99 18.42
CA VAL A 128 -6.51 -2.97 19.28
C VAL A 128 -6.09 -2.74 20.74
N ARG A 129 -6.54 -1.67 21.36
CA ARG A 129 -6.20 -1.40 22.74
C ARG A 129 -7.01 -2.24 23.72
N ALA A 130 -6.54 -2.34 24.96
CA ALA A 130 -7.16 -3.19 25.97
C ALA A 130 -8.62 -2.84 26.22
N ASP A 131 -9.04 -1.62 25.94
CA ASP A 131 -10.44 -1.24 26.09
C ASP A 131 -11.26 -1.47 24.82
N GLY A 132 -10.67 -2.11 23.81
CA GLY A 132 -11.36 -2.35 22.56
C GLY A 132 -11.34 -1.21 21.57
N SER A 133 -10.65 -0.11 21.87
CA SER A 133 -10.52 0.96 20.89
C SER A 133 -9.45 0.61 19.86
N LEU A 134 -9.64 1.12 18.65
CA LEU A 134 -8.71 0.87 17.56
C LEU A 134 -7.70 2.00 17.50
N ALA A 135 -6.47 1.66 17.15
CA ALA A 135 -5.41 2.61 16.91
C ALA A 135 -5.11 2.71 15.43
N PRO A 136 -4.45 3.76 15.01
CA PRO A 136 -4.16 3.92 13.59
C PRO A 136 -3.37 2.77 12.98
N VAL A 137 -3.56 2.55 11.70
CA VAL A 137 -2.90 1.48 10.95
C VAL A 137 -1.39 1.51 11.11
N VAL A 138 -0.81 0.35 11.34
CA VAL A 138 0.62 0.20 11.45
C VAL A 138 1.35 -0.48 10.26
N GLN A 139 0.55 -1.12 9.42
CA GLN A 139 1.03 -1.88 8.28
C GLN A 139 -0.06 -1.95 7.21
N VAL A 140 0.40 -1.82 5.96
CA VAL A 140 -0.48 -1.88 4.79
C VAL A 140 0.25 -2.67 3.73
N GLU A 141 -0.41 -3.70 3.18
CA GLU A 141 0.21 -4.51 2.14
C GLU A 141 -0.68 -4.55 0.90
N SER A 142 -0.22 -3.98 -0.20
CA SER A 142 -0.89 -4.04 -1.49
C SER A 142 -0.27 -5.14 -2.36
N HIS A 143 -0.93 -5.44 -3.48
CA HIS A 143 -0.53 -6.58 -4.30
C HIS A 143 -0.65 -6.27 -5.79
N GLN A 144 0.12 -7.01 -6.57
CA GLN A 144 0.07 -6.95 -8.03
C GLN A 144 -1.14 -7.71 -8.56
N ALA A 145 -1.80 -7.15 -9.57
CA ALA A 145 -3.02 -7.72 -10.11
C ALA A 145 -2.74 -8.60 -11.32
N SER A 146 -3.67 -9.52 -11.59
CA SER A 146 -3.48 -10.46 -12.70
C SER A 146 -3.91 -9.88 -14.05
N LYS A 147 -4.83 -8.92 -14.04
CA LYS A 147 -5.36 -8.28 -15.26
C LYS A 147 -6.00 -9.29 -16.22
N VAL A 148 -6.63 -10.32 -15.69
CA VAL A 148 -7.33 -11.28 -16.53
C VAL A 148 -8.79 -10.84 -16.83
N HIS A 149 -9.38 -10.11 -15.88
CA HIS A 149 -10.73 -9.59 -15.96
C HIS A 149 -10.67 -8.11 -15.63
N PRO A 150 -11.67 -7.34 -16.17
CA PRO A 150 -11.62 -5.89 -15.85
C PRO A 150 -11.62 -5.54 -14.37
N ARG A 151 -12.13 -6.42 -13.56
CA ARG A 151 -12.15 -6.24 -12.13
C ARG A 151 -10.79 -6.64 -11.50
N GLN A 152 -9.82 -6.97 -12.34
CA GLN A 152 -8.51 -7.36 -11.84
C GLN A 152 -7.40 -6.49 -12.40
N VAL A 153 -7.67 -5.21 -12.66
CA VAL A 153 -6.60 -4.30 -13.08
C VAL A 153 -5.85 -3.73 -11.89
N SER A 154 -6.32 -3.99 -10.68
CA SER A 154 -5.60 -3.60 -9.47
C SER A 154 -5.95 -4.60 -8.39
N GLY A 155 -5.22 -4.55 -7.28
CA GLY A 155 -5.43 -5.51 -6.22
C GLY A 155 -6.69 -5.22 -5.42
N HIS A 156 -7.33 -6.29 -4.97
CA HIS A 156 -8.60 -6.21 -4.23
C HIS A 156 -8.58 -7.29 -3.16
N VAL A 157 -8.24 -6.94 -1.93
CA VAL A 157 -8.27 -7.91 -0.84
C VAL A 157 -9.71 -8.07 -0.37
N HIS A 158 -10.23 -9.32 -0.40
CA HIS A 158 -11.63 -9.54 -0.09
C HIS A 158 -11.88 -10.26 1.23
N SER A 159 -10.86 -10.87 1.83
CA SER A 159 -10.96 -11.38 3.20
C SER A 159 -9.57 -11.48 3.78
N VAL A 160 -9.55 -11.59 5.12
CA VAL A 160 -8.33 -11.74 5.90
C VAL A 160 -8.67 -12.73 7.02
N VAL A 161 -8.08 -13.92 6.97
CA VAL A 161 -8.51 -15.06 7.78
C VAL A 161 -7.29 -15.72 8.41
N SER A 162 -7.29 -15.91 9.70
CA SER A 162 -6.21 -16.60 10.35
C SER A 162 -6.49 -18.11 10.34
N SER A 163 -5.42 -18.87 10.42
CA SER A 163 -5.57 -20.28 10.57
C SER A 163 -6.08 -20.40 12.00
N PRO A 164 -6.74 -21.56 12.28
CA PRO A 164 -7.31 -21.67 13.63
C PRO A 164 -6.28 -21.58 14.80
N ASP A 165 -5.03 -21.87 14.54
CA ASP A 165 -4.02 -21.77 15.57
C ASP A 165 -3.53 -20.34 15.69
N GLY A 166 -3.90 -19.52 14.72
CA GLY A 166 -3.56 -18.14 14.71
C GLY A 166 -2.19 -17.67 14.27
N GLN A 167 -1.34 -18.57 13.86
CA GLN A 167 -0.02 -18.19 13.48
C GLN A 167 0.14 -17.59 12.09
N TYR A 168 -0.81 -17.86 11.22
CA TYR A 168 -0.73 -17.33 9.86
C TYR A 168 -2.02 -16.64 9.47
N LEU A 169 -1.89 -15.62 8.64
CA LEU A 169 -3.01 -14.83 8.15
C LEU A 169 -3.08 -15.00 6.64
N PHE A 170 -4.24 -15.39 6.14
CA PHE A 170 -4.44 -15.64 4.72
C PHE A 170 -5.31 -14.53 4.13
N ALA A 171 -4.92 -14.03 2.95
CA ALA A 171 -5.59 -12.86 2.38
C ALA A 171 -5.91 -13.12 0.92
N PRO A 172 -7.08 -13.70 0.63
CA PRO A 172 -7.52 -13.83 -0.77
C PRO A 172 -7.61 -12.45 -1.40
N ASP A 173 -6.99 -12.31 -2.57
CA ASP A 173 -7.00 -11.09 -3.38
C ASP A 173 -7.69 -11.42 -4.71
N LEU A 174 -8.90 -10.89 -4.88
CA LEU A 174 -9.67 -11.14 -6.08
C LEU A 174 -9.00 -10.56 -7.31
N GLY A 175 -8.27 -9.46 -7.16
CA GLY A 175 -7.58 -8.91 -8.32
C GLY A 175 -6.30 -9.62 -8.69
N ALA A 176 -5.69 -10.36 -7.77
CA ALA A 176 -4.40 -10.99 -8.00
C ALA A 176 -4.48 -12.46 -8.42
N ASP A 177 -5.65 -13.10 -8.29
CA ASP A 177 -5.78 -14.55 -8.45
C ASP A 177 -4.80 -15.28 -7.55
N LYS A 178 -4.68 -14.80 -6.31
CA LYS A 178 -3.79 -15.40 -5.33
C LYS A 178 -4.41 -15.25 -3.96
N VAL A 179 -4.10 -16.20 -3.08
CA VAL A 179 -4.28 -16.01 -1.64
C VAL A 179 -2.91 -15.73 -1.06
N PHE A 180 -2.73 -14.53 -0.50
CA PHE A 180 -1.45 -14.16 0.08
C PHE A 180 -1.36 -14.71 1.50
N VAL A 181 -0.14 -15.05 1.93
CA VAL A 181 0.05 -15.72 3.21
C VAL A 181 1.08 -14.94 4.02
N TYR A 182 0.73 -14.59 5.25
CA TYR A 182 1.65 -13.91 6.16
C TYR A 182 1.79 -14.69 7.46
N ARG A 183 2.99 -14.66 8.02
CA ARG A 183 3.16 -15.15 9.38
C ARG A 183 2.85 -14.02 10.35
N TYR A 184 2.02 -14.32 11.34
CA TYR A 184 1.69 -13.32 12.36
C TYR A 184 2.78 -13.32 13.42
N ALA A 185 3.43 -12.17 13.59
CA ALA A 185 4.58 -11.99 14.45
C ALA A 185 4.43 -10.80 15.38
N PRO A 186 3.65 -11.06 16.48
CA PRO A 186 3.40 -9.92 17.37
C PRO A 186 4.65 -9.38 18.08
N GLU A 187 5.71 -10.12 18.02
CA GLU A 187 6.93 -9.69 18.62
C GLU A 187 7.49 -8.50 17.81
N GLN A 188 6.95 -8.30 16.62
CA GLN A 188 7.37 -7.19 15.78
C GLN A 188 6.18 -6.25 15.62
N ALA A 189 5.97 -5.42 16.62
CA ALA A 189 4.88 -4.53 16.69
C ALA A 189 4.80 -3.49 15.56
N GLU A 190 5.92 -3.27 14.91
CA GLU A 190 5.97 -2.31 13.88
C GLU A 190 5.65 -2.93 12.53
N ARG A 191 5.62 -4.24 12.44
CA ARG A 191 5.31 -4.98 11.24
C ARG A 191 4.88 -6.37 11.62
N PRO A 192 3.61 -6.46 12.18
CA PRO A 192 3.22 -7.80 12.63
C PRO A 192 2.94 -8.88 11.59
N LEU A 193 2.81 -8.53 10.33
CA LEU A 193 2.60 -9.51 9.30
C LEU A 193 3.88 -9.66 8.48
N GLN A 194 4.43 -10.86 8.52
CA GLN A 194 5.62 -11.18 7.82
C GLN A 194 5.32 -12.15 6.68
N ALA A 195 5.72 -11.79 5.50
CA ALA A 195 5.51 -12.63 4.38
C ALA A 195 6.05 -14.03 4.62
N ALA A 196 5.26 -15.02 4.34
CA ALA A 196 5.65 -16.37 4.52
C ALA A 196 6.22 -17.01 3.28
N ASP A 197 6.47 -18.29 3.42
CA ASP A 197 6.84 -19.12 2.34
C ASP A 197 6.00 -20.35 2.30
N PRO A 198 5.35 -20.69 1.12
CA PRO A 198 5.34 -19.71 0.02
C PRO A 198 4.61 -18.41 0.37
N ALA A 199 4.85 -17.37 -0.38
CA ALA A 199 4.25 -16.09 -0.11
C ALA A 199 2.78 -15.99 -0.54
N PHE A 200 2.35 -16.95 -1.33
CA PHE A 200 0.99 -16.99 -1.81
C PHE A 200 0.64 -18.35 -2.36
N VAL A 201 -0.64 -18.56 -2.53
CA VAL A 201 -1.19 -19.74 -3.14
C VAL A 201 -1.93 -19.25 -4.39
N PRO A 202 -1.51 -19.66 -5.57
CA PRO A 202 -2.18 -19.17 -6.77
C PRO A 202 -3.52 -19.86 -7.01
N THR A 203 -4.41 -19.15 -7.69
CA THR A 203 -5.66 -19.73 -8.15
C THR A 203 -5.73 -19.56 -9.67
N PRO A 204 -6.72 -20.14 -10.36
CA PRO A 204 -6.72 -20.08 -11.82
C PRO A 204 -6.87 -18.65 -12.32
N PRO A 205 -6.39 -18.36 -13.52
CA PRO A 205 -6.47 -16.99 -14.04
C PRO A 205 -7.91 -16.56 -14.22
N GLY A 206 -8.20 -15.34 -13.79
CA GLY A 206 -9.55 -14.83 -13.92
C GLY A 206 -10.55 -15.47 -13.00
N SER A 207 -10.11 -16.10 -11.94
CA SER A 207 -11.03 -16.79 -11.02
C SER A 207 -11.56 -15.93 -9.85
N GLY A 208 -10.77 -14.97 -9.45
CA GLY A 208 -11.18 -14.04 -8.41
C GLY A 208 -11.38 -14.58 -6.98
N PRO A 209 -10.22 -15.01 -6.35
CA PRO A 209 -10.40 -15.56 -4.99
C PRO A 209 -11.07 -14.53 -4.03
N ARG A 210 -12.01 -14.98 -3.22
CA ARG A 210 -12.79 -14.07 -2.40
C ARG A 210 -12.79 -14.33 -0.91
N HIS A 211 -13.51 -15.35 -0.48
CA HIS A 211 -13.61 -15.72 0.91
C HIS A 211 -13.02 -17.09 1.20
N LEU A 212 -12.29 -17.16 2.30
CA LEU A 212 -11.69 -18.37 2.76
C LEU A 212 -12.11 -18.70 4.16
N ILE A 213 -12.34 -19.97 4.40
CA ILE A 213 -12.59 -20.43 5.75
C ILE A 213 -11.78 -21.69 6.02
N PHE A 214 -11.58 -21.98 7.30
CA PHE A 214 -10.92 -23.19 7.76
C PHE A 214 -11.92 -24.08 8.46
N SER A 215 -11.71 -25.39 8.37
CA SER A 215 -12.40 -26.32 9.24
C SER A 215 -11.96 -26.10 10.68
N ALA A 216 -12.83 -26.51 11.63
CA ALA A 216 -12.55 -26.29 13.04
C ALA A 216 -11.21 -26.89 13.46
N ASP A 217 -10.85 -28.04 12.90
CA ASP A 217 -9.60 -28.70 13.28
C ASP A 217 -8.40 -28.19 12.49
N GLY A 218 -8.58 -27.17 11.65
CA GLY A 218 -7.48 -26.60 10.90
C GLY A 218 -6.92 -27.47 9.79
N ARG A 219 -7.50 -28.63 9.52
CA ARG A 219 -6.92 -29.52 8.51
C ARG A 219 -7.24 -29.10 7.07
N PHE A 220 -8.35 -28.40 6.84
CA PHE A 220 -8.78 -28.06 5.48
C PHE A 220 -9.17 -26.60 5.40
N ALA A 221 -9.13 -26.06 4.17
CA ALA A 221 -9.64 -24.73 3.91
C ALA A 221 -10.50 -24.73 2.66
N TYR A 222 -11.47 -23.83 2.63
CA TYR A 222 -12.43 -23.73 1.53
C TYR A 222 -12.45 -22.30 1.03
N LEU A 223 -12.40 -22.12 -0.28
CA LEU A 223 -12.21 -20.80 -0.88
C LEU A 223 -13.20 -20.58 -2.01
N THR A 224 -13.94 -19.46 -1.97
CA THR A 224 -14.77 -19.13 -3.12
C THR A 224 -13.95 -18.41 -4.19
N LEU A 225 -14.27 -18.71 -5.45
CA LEU A 225 -13.69 -18.03 -6.61
C LEU A 225 -14.84 -17.28 -7.28
N GLU A 226 -14.86 -15.96 -7.10
CA GLU A 226 -16.03 -15.18 -7.49
C GLU A 226 -16.27 -15.22 -8.99
N LEU A 227 -15.25 -14.89 -9.78
CA LEU A 227 -15.46 -14.72 -11.21
C LEU A 227 -15.73 -16.04 -11.91
N SER A 228 -15.15 -17.14 -11.42
CA SER A 228 -15.40 -18.42 -12.06
C SER A 228 -16.63 -19.16 -11.51
N GLY A 229 -17.23 -18.70 -10.41
CA GLY A 229 -18.37 -19.40 -9.85
C GLY A 229 -18.02 -20.76 -9.27
N GLN A 230 -16.93 -20.85 -8.52
CA GLN A 230 -16.44 -22.13 -8.02
C GLN A 230 -16.08 -22.03 -6.54
N VAL A 231 -15.89 -23.21 -5.93
CA VAL A 231 -15.32 -23.34 -4.61
C VAL A 231 -14.16 -24.32 -4.68
N MET A 232 -13.07 -23.99 -4.01
CA MET A 232 -11.83 -24.74 -4.03
C MET A 232 -11.60 -25.32 -2.63
N VAL A 233 -11.10 -26.56 -2.58
CA VAL A 233 -10.80 -27.27 -1.35
C VAL A 233 -9.29 -27.44 -1.24
N PHE A 234 -8.73 -27.06 -0.09
CA PHE A 234 -7.31 -27.21 0.19
C PHE A 234 -7.11 -28.06 1.44
N ALA A 235 -5.99 -28.77 1.47
CA ALA A 235 -5.47 -29.30 2.72
C ALA A 235 -4.57 -28.25 3.32
N HIS A 236 -4.72 -27.99 4.62
CA HIS A 236 -3.89 -27.04 5.33
C HIS A 236 -2.80 -27.82 6.08
N GLU A 237 -1.56 -27.49 5.81
CA GLU A 237 -0.46 -28.23 6.42
C GLU A 237 0.16 -27.58 7.62
N GLY A 238 -0.28 -26.38 7.94
CA GLY A 238 0.34 -25.64 8.98
C GLY A 238 1.45 -24.85 8.31
N ASN A 239 2.07 -23.96 9.01
CA ASN A 239 3.16 -23.21 8.45
C ASN A 239 2.75 -22.36 7.24
N GLY A 240 1.46 -22.11 7.13
CA GLY A 240 0.97 -21.29 6.06
C GLY A 240 0.87 -21.89 4.69
N ARG A 241 0.98 -23.18 4.66
CA ARG A 241 0.98 -23.89 3.39
C ARG A 241 -0.35 -24.57 3.14
N LEU A 242 -0.85 -24.42 1.92
CA LEU A 242 -2.06 -25.05 1.46
C LEU A 242 -1.74 -25.87 0.23
N ARG A 243 -2.36 -27.03 0.09
CA ARG A 243 -2.27 -27.77 -1.15
C ARG A 243 -3.67 -28.05 -1.67
N GLN A 244 -3.84 -27.90 -2.98
CA GLN A 244 -5.15 -28.01 -3.62
C GLN A 244 -5.61 -29.45 -3.68
N LEU A 245 -6.86 -29.69 -3.31
CA LEU A 245 -7.46 -31.02 -3.37
C LEU A 245 -8.56 -31.14 -4.39
N GLN A 246 -9.35 -30.11 -4.59
CA GLN A 246 -10.61 -30.26 -5.31
C GLN A 246 -11.12 -28.88 -5.72
N THR A 247 -11.78 -28.84 -6.85
CA THR A 247 -12.45 -27.65 -7.31
C THR A 247 -13.86 -28.09 -7.74
N HIS A 248 -14.86 -27.34 -7.36
CA HIS A 248 -16.24 -27.66 -7.70
C HIS A 248 -17.03 -26.45 -8.21
N ASP A 249 -17.71 -26.61 -9.33
CA ASP A 249 -18.56 -25.56 -9.84
C ASP A 249 -19.76 -25.45 -8.91
N LEU A 250 -20.33 -24.26 -8.82
CA LEU A 250 -21.52 -24.05 -8.01
C LEU A 250 -22.81 -24.19 -8.81
N ALA A 251 -22.75 -23.90 -10.10
CA ALA A 251 -23.91 -24.00 -10.94
C ALA A 251 -23.80 -25.30 -11.73
N PRO A 252 -25.03 -25.85 -12.01
CA PRO A 252 -24.97 -27.13 -12.72
C PRO A 252 -24.46 -27.03 -14.13
N ALA A 253 -24.14 -28.18 -14.67
CA ALA A 253 -23.64 -28.23 -16.03
C ALA A 253 -24.79 -27.83 -16.84
N GLY A 254 -24.61 -26.93 -17.77
CA GLY A 254 -25.74 -26.51 -18.57
C GLY A 254 -26.46 -25.28 -18.11
N PHE A 255 -26.05 -24.74 -16.99
CA PHE A 255 -26.60 -23.52 -16.54
C PHE A 255 -26.03 -22.41 -17.44
N GLN A 256 -26.94 -21.70 -18.06
CA GLN A 256 -26.65 -20.59 -18.93
C GLN A 256 -27.04 -19.33 -18.14
N GLY A 257 -26.11 -18.44 -17.97
CA GLY A 257 -26.36 -17.24 -17.22
C GLY A 257 -25.13 -16.92 -16.40
N LYS A 258 -25.06 -15.72 -15.90
CA LYS A 258 -23.93 -15.30 -15.11
C LYS A 258 -23.84 -16.08 -13.80
N VAL A 259 -22.64 -16.23 -13.29
CA VAL A 259 -22.38 -16.90 -12.01
C VAL A 259 -21.44 -16.04 -11.17
N GLY A 260 -21.44 -16.25 -9.86
CA GLY A 260 -20.56 -15.44 -9.01
C GLY A 260 -20.59 -16.24 -7.72
N ALA A 261 -19.43 -16.51 -7.15
CA ALA A 261 -19.36 -17.30 -5.92
C ALA A 261 -19.21 -16.18 -4.90
N GLY A 262 -19.83 -16.36 -3.73
CA GLY A 262 -19.82 -15.29 -2.74
C GLY A 262 -19.35 -15.76 -1.38
N ALA A 263 -20.25 -15.73 -0.40
CA ALA A 263 -19.93 -16.14 0.96
C ALA A 263 -19.96 -17.67 1.11
N LEU A 264 -19.23 -18.17 2.12
CA LEU A 264 -19.31 -19.58 2.45
C LEU A 264 -19.16 -19.75 3.95
N HIS A 265 -19.83 -20.77 4.49
CA HIS A 265 -19.80 -21.07 5.91
C HIS A 265 -19.98 -22.57 6.10
N LEU A 266 -19.34 -23.09 7.13
CA LEU A 266 -19.58 -24.47 7.56
C LEU A 266 -20.64 -24.48 8.65
N SER A 267 -21.42 -25.56 8.70
CA SER A 267 -22.34 -25.70 9.82
C SER A 267 -21.57 -26.02 11.10
N ALA A 268 -22.22 -25.75 12.24
CA ALA A 268 -21.55 -25.90 13.52
C ALA A 268 -21.15 -27.34 13.83
N ASP A 269 -21.74 -28.31 13.14
CA ASP A 269 -21.31 -29.69 13.31
C ASP A 269 -20.18 -30.09 12.37
N GLY A 270 -19.72 -29.17 11.51
CA GLY A 270 -18.68 -29.49 10.56
C GLY A 270 -19.12 -30.34 9.39
N ARG A 271 -20.39 -30.67 9.28
CA ARG A 271 -20.82 -31.60 8.26
C ARG A 271 -21.25 -31.08 6.90
N PHE A 272 -21.62 -29.82 6.87
CA PHE A 272 -22.06 -29.16 5.66
C PHE A 272 -21.35 -27.84 5.42
N LEU A 273 -21.15 -27.58 4.15
CA LEU A 273 -20.64 -26.34 3.69
C LEU A 273 -21.71 -25.67 2.81
N GLY A 274 -22.12 -24.46 3.17
CA GLY A 274 -23.00 -23.66 2.33
C GLY A 274 -22.18 -22.62 1.58
N VAL A 275 -22.50 -22.42 0.30
CA VAL A 275 -21.83 -21.44 -0.55
C VAL A 275 -22.89 -20.69 -1.35
N LEU A 276 -22.76 -19.37 -1.41
CA LEU A 276 -23.68 -18.58 -2.24
C LEU A 276 -23.14 -18.44 -3.66
N ASN A 277 -24.03 -18.50 -4.65
CA ASN A 277 -23.72 -18.22 -6.04
C ASN A 277 -24.68 -17.14 -6.47
N ARG A 278 -24.13 -16.06 -6.99
CA ARG A 278 -24.85 -14.90 -7.38
C ARG A 278 -25.16 -14.90 -8.87
N GLY A 279 -24.84 -13.85 -9.55
CA GLY A 279 -25.11 -13.77 -10.97
C GLY A 279 -26.57 -13.94 -11.31
N ASP A 280 -26.88 -14.80 -12.26
CA ASP A 280 -28.23 -15.10 -12.63
C ASP A 280 -28.67 -16.36 -11.93
N ASP A 281 -27.83 -16.91 -11.11
CA ASP A 281 -28.09 -18.19 -10.46
C ASP A 281 -28.83 -17.96 -9.15
N ASN A 282 -28.19 -17.23 -8.23
CA ASN A 282 -28.79 -16.75 -6.98
C ASN A 282 -29.27 -17.89 -6.08
N GLN A 283 -28.35 -18.78 -5.76
CA GLN A 283 -28.64 -19.99 -5.01
C GLN A 283 -27.74 -20.10 -3.78
N LEU A 284 -28.26 -20.78 -2.76
CA LEU A 284 -27.44 -21.31 -1.69
C LEU A 284 -27.12 -22.76 -2.05
N VAL A 285 -25.85 -23.07 -2.22
CA VAL A 285 -25.41 -24.40 -2.65
C VAL A 285 -24.86 -25.14 -1.44
N THR A 286 -25.40 -26.33 -1.17
CA THR A 286 -25.03 -27.07 0.03
C THR A 286 -24.24 -28.31 -0.36
N PHE A 287 -23.09 -28.49 0.31
CA PHE A 287 -22.24 -29.65 0.12
C PHE A 287 -22.12 -30.41 1.44
N ALA A 288 -22.05 -31.74 1.35
CA ALA A 288 -21.63 -32.54 2.48
C ALA A 288 -20.11 -32.59 2.52
N VAL A 289 -19.54 -32.52 3.72
CA VAL A 289 -18.10 -32.44 3.92
C VAL A 289 -17.60 -33.79 4.45
N ASP A 290 -16.74 -34.45 3.68
CA ASP A 290 -16.16 -35.72 4.15
C ASP A 290 -15.17 -35.44 5.27
N PRO A 291 -15.38 -35.96 6.49
CA PRO A 291 -14.44 -35.64 7.57
C PRO A 291 -13.05 -36.22 7.36
N ALA A 292 -12.91 -37.30 6.59
CA ALA A 292 -11.60 -37.88 6.36
C ALA A 292 -10.79 -37.06 5.36
N SER A 293 -11.32 -36.92 4.15
CA SER A 293 -10.59 -36.26 3.08
C SER A 293 -10.85 -34.77 3.00
N GLY A 294 -11.84 -34.26 3.73
CA GLY A 294 -12.27 -32.89 3.61
C GLY A 294 -12.95 -32.55 2.30
N GLN A 295 -13.14 -33.51 1.42
CA GLN A 295 -13.68 -33.16 0.11
C GLN A 295 -15.20 -32.98 0.19
N LEU A 296 -15.74 -32.41 -0.87
CA LEU A 296 -17.13 -31.96 -0.90
C LEU A 296 -17.96 -32.86 -1.81
N ARG A 297 -19.17 -33.16 -1.38
CA ARG A 297 -20.16 -33.87 -2.18
C ARG A 297 -21.39 -32.99 -2.27
N PHE A 298 -21.85 -32.71 -3.48
CA PHE A 298 -23.02 -31.87 -3.69
C PHE A 298 -24.28 -32.49 -3.08
N VAL A 299 -25.05 -31.66 -2.38
CA VAL A 299 -26.31 -32.07 -1.74
C VAL A 299 -27.50 -31.41 -2.42
N GLU A 300 -27.48 -30.08 -2.55
CA GLU A 300 -28.65 -29.42 -3.10
C GLU A 300 -28.36 -27.96 -3.40
N ARG A 301 -29.24 -27.37 -4.20
CA ARG A 301 -29.26 -25.95 -4.46
C ARG A 301 -30.62 -25.39 -4.06
N ARG A 302 -30.63 -24.25 -3.38
CA ARG A 302 -31.87 -23.59 -2.97
C ARG A 302 -31.86 -22.13 -3.45
N SER A 303 -32.89 -21.74 -4.17
CA SER A 303 -33.02 -20.39 -4.62
C SER A 303 -33.10 -19.46 -3.42
N VAL A 304 -32.37 -18.35 -3.44
CA VAL A 304 -32.40 -17.40 -2.35
C VAL A 304 -33.56 -16.41 -2.46
N GLU A 305 -34.30 -16.53 -3.55
CA GLU A 305 -35.45 -15.71 -3.78
C GLU A 305 -35.18 -14.24 -3.74
N GLY A 306 -34.10 -13.86 -4.39
CA GLY A 306 -33.73 -12.50 -4.47
C GLY A 306 -32.52 -12.36 -5.33
N THR A 307 -31.98 -11.18 -5.37
CA THR A 307 -30.80 -10.88 -6.14
C THR A 307 -29.62 -10.45 -5.27
N GLU A 308 -28.44 -10.80 -5.71
CA GLU A 308 -27.18 -10.54 -5.06
C GLU A 308 -27.12 -10.97 -3.63
N PRO A 309 -27.32 -12.26 -3.43
CA PRO A 309 -27.19 -12.74 -2.05
C PRO A 309 -25.75 -12.53 -1.58
N ARG A 310 -25.62 -11.79 -0.49
CA ARG A 310 -24.32 -11.28 -0.09
C ARG A 310 -23.73 -12.05 1.08
N GLU A 311 -24.58 -12.49 2.01
CA GLU A 311 -24.13 -13.29 3.13
C GLU A 311 -25.27 -14.22 3.52
N PHE A 312 -24.94 -15.21 4.34
CA PHE A 312 -25.96 -16.05 4.95
C PHE A 312 -25.44 -16.51 6.31
N ALA A 313 -26.34 -17.06 7.11
CA ALA A 313 -25.93 -17.60 8.39
C ALA A 313 -26.83 -18.78 8.72
N PHE A 314 -26.21 -19.92 9.08
CA PHE A 314 -27.00 -20.97 9.70
C PHE A 314 -27.45 -20.50 11.07
N SER A 315 -28.67 -20.86 11.44
CA SER A 315 -29.16 -20.52 12.77
C SER A 315 -28.36 -21.31 13.81
N PRO A 316 -28.34 -20.83 15.05
CA PRO A 316 -27.48 -21.47 16.06
C PRO A 316 -27.80 -22.94 16.26
N GLY A 317 -29.08 -23.31 16.19
CA GLY A 317 -29.45 -24.71 16.27
C GLY A 317 -29.45 -25.46 14.95
N GLY A 318 -29.24 -24.76 13.83
CA GLY A 318 -29.18 -25.40 12.53
C GLY A 318 -30.52 -25.68 11.87
N ARG A 319 -31.62 -25.31 12.50
CA ARG A 319 -32.92 -25.63 11.92
C ARG A 319 -33.42 -24.56 10.98
N PHE A 320 -32.63 -23.51 10.76
CA PHE A 320 -32.97 -22.45 9.84
C PHE A 320 -31.71 -21.96 9.17
N VAL A 321 -31.88 -21.32 8.02
CA VAL A 321 -30.79 -20.59 7.40
C VAL A 321 -31.35 -19.27 6.89
N LEU A 322 -30.57 -18.21 7.07
CA LEU A 322 -30.99 -16.85 6.76
C LEU A 322 -30.07 -16.30 5.69
N VAL A 323 -30.63 -15.67 4.65
CA VAL A 323 -29.84 -15.14 3.54
C VAL A 323 -30.10 -13.64 3.42
N ALA A 324 -29.03 -12.87 3.30
CA ALA A 324 -29.09 -11.44 3.07
C ALA A 324 -29.01 -11.18 1.56
N ASN A 325 -30.13 -10.75 0.95
CA ASN A 325 -30.20 -10.46 -0.46
C ASN A 325 -30.07 -8.98 -0.62
N GLN A 326 -28.84 -8.58 -0.89
CA GLN A 326 -28.49 -7.18 -0.96
C GLN A 326 -29.25 -6.36 -1.96
N ASN A 327 -29.33 -6.84 -3.16
CA ASN A 327 -30.00 -6.07 -4.20
C ASN A 327 -31.51 -6.07 -4.16
N SER A 328 -32.04 -7.05 -3.48
CA SER A 328 -33.45 -7.24 -3.27
C SER A 328 -33.94 -6.50 -2.00
N ASP A 329 -33.03 -6.01 -1.19
CA ASP A 329 -33.31 -5.33 0.06
C ASP A 329 -34.15 -6.21 0.99
N GLN A 330 -33.78 -7.49 1.09
CA GLN A 330 -34.52 -8.40 1.94
C GLN A 330 -33.60 -9.42 2.58
N LEU A 331 -33.97 -9.83 3.79
CA LEU A 331 -33.54 -11.11 4.36
C LEU A 331 -34.60 -12.16 4.08
N ARG A 332 -34.17 -13.38 3.85
CA ARG A 332 -35.09 -14.50 3.75
C ARG A 332 -34.72 -15.53 4.79
N VAL A 333 -35.72 -16.06 5.50
CA VAL A 333 -35.55 -17.14 6.45
C VAL A 333 -36.12 -18.41 5.84
N PHE A 334 -35.32 -19.48 5.86
CA PHE A 334 -35.70 -20.78 5.32
C PHE A 334 -35.59 -21.84 6.39
N ALA A 335 -36.56 -22.75 6.40
CA ALA A 335 -36.44 -23.94 7.23
C ALA A 335 -35.26 -24.78 6.78
N ARG A 336 -34.62 -25.47 7.72
CA ARG A 336 -33.48 -26.31 7.38
C ARG A 336 -33.52 -27.61 8.18
N ASP A 337 -33.08 -28.69 7.55
CA ASP A 337 -32.95 -29.99 8.18
C ASP A 337 -31.49 -30.24 8.55
N PRO A 338 -31.23 -30.17 9.90
CA PRO A 338 -29.82 -30.34 10.27
C PRO A 338 -29.22 -31.70 10.00
N GLN A 339 -30.03 -32.69 9.74
CA GLN A 339 -29.55 -34.00 9.49
C GLN A 339 -29.12 -34.18 8.07
N SER A 340 -29.99 -33.79 7.14
CA SER A 340 -29.69 -33.94 5.73
C SER A 340 -29.03 -32.71 5.14
N GLY A 341 -29.10 -31.57 5.81
CA GLY A 341 -28.62 -30.32 5.26
C GLY A 341 -29.54 -29.68 4.26
N GLN A 342 -30.68 -30.26 4.01
CA GLN A 342 -31.61 -29.71 3.07
C GLN A 342 -32.29 -28.45 3.56
N VAL A 343 -32.46 -27.50 2.66
CA VAL A 343 -33.09 -26.21 2.94
C VAL A 343 -34.45 -26.15 2.27
N GLY A 344 -35.45 -25.90 3.10
CA GLY A 344 -36.81 -25.93 2.72
C GLY A 344 -37.60 -24.71 2.49
N LYS A 345 -38.78 -24.75 3.07
CA LYS A 345 -39.73 -23.71 2.89
C LYS A 345 -39.27 -22.35 3.35
N THR A 346 -39.67 -21.37 2.58
CA THR A 346 -39.45 -19.99 2.98
C THR A 346 -40.40 -19.66 4.11
N LEU A 347 -39.86 -19.21 5.23
CA LEU A 347 -40.68 -18.88 6.40
C LEU A 347 -40.98 -17.40 6.53
N GLN A 348 -40.08 -16.57 6.05
CA GLN A 348 -40.27 -15.15 6.16
C GLN A 348 -39.35 -14.33 5.27
N SER A 349 -39.80 -13.16 4.86
CA SER A 349 -38.97 -12.22 4.14
C SER A 349 -38.98 -10.96 4.97
N VAL A 350 -37.82 -10.37 5.16
CA VAL A 350 -37.68 -9.18 5.95
C VAL A 350 -37.16 -8.04 5.09
N GLU A 351 -37.84 -6.90 5.07
CA GLU A 351 -37.39 -5.77 4.31
C GLU A 351 -36.33 -5.00 5.06
N VAL A 352 -35.16 -4.87 4.47
CA VAL A 352 -34.10 -4.15 5.10
C VAL A 352 -33.23 -3.61 3.98
N GLY A 353 -32.76 -2.42 4.14
CA GLY A 353 -31.92 -1.81 3.13
C GLY A 353 -30.55 -2.42 2.94
N SER A 354 -30.30 -2.87 1.72
CA SER A 354 -29.03 -3.42 1.30
C SER A 354 -28.27 -4.25 2.33
N PRO A 355 -28.97 -5.34 2.82
CA PRO A 355 -28.28 -6.14 3.85
C PRO A 355 -27.01 -6.89 3.40
N SER A 356 -25.97 -6.88 4.22
CA SER A 356 -24.70 -7.45 3.83
C SER A 356 -24.02 -8.44 4.78
N ASP A 357 -24.47 -8.59 6.00
CA ASP A 357 -23.84 -9.53 6.93
C ASP A 357 -24.85 -9.81 8.02
N LEU A 358 -24.70 -10.98 8.66
CA LEU A 358 -25.61 -11.47 9.66
C LEU A 358 -24.80 -12.06 10.80
N ARG A 359 -25.17 -11.75 12.05
CA ARG A 359 -24.43 -12.27 13.19
C ARG A 359 -25.39 -12.52 14.34
N PHE A 360 -25.33 -13.73 14.94
CA PHE A 360 -26.17 -14.10 16.07
C PHE A 360 -25.41 -13.90 17.38
N VAL A 361 -26.07 -13.28 18.37
CA VAL A 361 -25.57 -13.23 19.75
C VAL A 361 -26.74 -13.60 20.66
N ALA A 362 -26.58 -14.62 21.47
CA ALA A 362 -27.66 -15.01 22.35
C ALA A 362 -28.07 -13.92 23.30
N VAL A 363 -29.34 -13.92 23.66
CA VAL A 363 -29.79 -13.02 24.68
C VAL A 363 -29.58 -13.75 26.02
N PRO A 364 -28.78 -13.08 26.90
CA PRO A 364 -28.60 -13.72 28.20
C PRO A 364 -29.93 -13.78 28.93
N SER B 2 30.90 31.82 1.06
CA SER B 2 32.26 31.31 1.26
C SER B 2 32.23 29.96 1.96
N LEU B 3 31.99 29.98 3.26
CA LEU B 3 31.97 28.75 4.06
C LEU B 3 30.56 28.18 4.08
N TYR B 4 30.47 26.86 3.88
CA TYR B 4 29.20 26.15 3.84
C TYR B 4 29.28 24.91 4.71
N ASN B 5 28.18 24.63 5.40
CA ASN B 5 27.98 23.28 5.90
C ASN B 5 27.73 22.36 4.70
N LEU B 6 28.40 21.21 4.69
CA LEU B 6 28.12 20.16 3.72
C LEU B 6 27.55 18.98 4.50
N LEU B 7 26.26 18.74 4.34
CA LEU B 7 25.60 17.62 5.00
C LEU B 7 25.62 16.43 4.06
N VAL B 8 26.05 15.28 4.57
CA VAL B 8 26.21 14.08 3.78
C VAL B 8 25.29 13.00 4.33
N GLY B 9 24.34 12.58 3.53
CA GLY B 9 23.57 11.40 3.87
C GLY B 9 24.36 10.15 3.54
N THR B 10 24.06 9.07 4.26
CA THR B 10 24.82 7.83 4.10
C THR B 10 23.90 6.63 4.30
N TYR B 11 24.38 5.47 3.86
CA TYR B 11 23.85 4.21 4.36
C TYR B 11 24.73 3.76 5.52
N THR B 12 24.10 3.18 6.51
CA THR B 12 24.76 2.77 7.72
C THR B 12 24.94 1.30 7.96
N GLU B 13 24.73 0.49 6.96
CA GLU B 13 24.92 -0.92 7.09
C GLU B 13 26.38 -1.23 7.20
N GLY B 14 27.21 -0.33 6.76
CA GLY B 14 28.65 -0.48 6.87
C GLY B 14 29.29 0.34 7.99
N SER B 15 30.35 1.07 7.69
CA SER B 15 31.01 1.86 8.72
C SER B 15 30.42 3.19 9.13
N SER B 16 29.50 3.71 8.35
CA SER B 16 28.90 4.98 8.67
C SER B 16 27.93 4.90 9.82
N GLU B 17 27.83 5.97 10.56
CA GLU B 17 26.97 6.06 11.71
C GLU B 17 25.68 6.92 11.56
N GLY B 18 25.60 7.70 10.51
CA GLY B 18 24.47 8.53 10.31
C GLY B 18 24.74 9.67 9.39
N ILE B 19 24.17 10.80 9.70
CA ILE B 19 24.37 12.02 8.98
C ILE B 19 25.68 12.67 9.37
N GLN B 20 26.44 13.07 8.38
CA GLN B 20 27.71 13.71 8.62
C GLN B 20 27.69 15.14 8.17
N VAL B 21 28.22 16.01 9.01
CA VAL B 21 28.28 17.38 8.68
C VAL B 21 29.74 17.77 8.46
N TYR B 22 30.04 18.16 7.24
CA TYR B 22 31.37 18.60 6.87
C TYR B 22 31.35 20.11 6.66
N ARG B 23 32.53 20.65 6.44
CA ARG B 23 32.67 22.05 6.07
C ARG B 23 33.34 22.14 4.71
N PHE B 24 32.79 23.02 3.87
CA PHE B 24 33.22 23.19 2.50
C PHE B 24 33.57 24.66 2.29
N ASP B 25 34.70 24.90 1.63
CA ASP B 25 35.20 26.25 1.37
C ASP B 25 35.05 26.54 -0.11
N GLY B 26 34.18 27.49 -0.45
CA GLY B 26 33.98 27.84 -1.84
C GLY B 26 35.19 28.47 -2.52
N ALA B 27 36.14 28.98 -1.74
CA ALA B 27 37.32 29.61 -2.35
C ALA B 27 38.19 28.58 -3.06
N ASP B 28 38.46 27.45 -2.41
CA ASP B 28 39.32 26.43 -3.00
C ASP B 28 38.63 25.09 -3.21
N GLY B 29 37.38 24.94 -2.78
CA GLY B 29 36.69 23.68 -2.95
C GLY B 29 36.97 22.63 -1.90
N SER B 30 37.71 22.96 -0.85
CA SER B 30 38.15 21.93 0.08
C SER B 30 37.00 21.51 1.00
N VAL B 31 37.08 20.26 1.43
CA VAL B 31 36.12 19.66 2.36
C VAL B 31 36.90 19.17 3.56
N LYS B 32 36.43 19.52 4.76
CA LYS B 32 37.07 19.11 6.00
C LYS B 32 36.01 18.54 6.92
N GLY B 33 36.38 17.53 7.69
CA GLY B 33 35.49 16.98 8.70
C GLY B 33 35.56 15.48 8.82
N PRO B 34 34.49 14.86 9.37
CA PRO B 34 33.26 15.54 9.79
C PRO B 34 33.43 16.35 11.07
N LEU B 35 32.70 17.40 11.19
CA LEU B 35 32.69 18.25 12.34
C LEU B 35 31.68 17.73 13.31
N ARG B 36 30.53 17.28 12.82
CA ARG B 36 29.49 16.69 13.66
C ARG B 36 28.85 15.51 12.96
N VAL B 37 28.22 14.66 13.73
CA VAL B 37 27.50 13.51 13.21
C VAL B 37 26.19 13.38 13.98
N ALA B 38 25.12 12.99 13.28
CA ALA B 38 23.86 12.62 13.89
C ALA B 38 23.65 11.12 13.68
N HIS B 39 23.57 10.37 14.78
CA HIS B 39 23.43 8.93 14.71
C HIS B 39 21.99 8.56 14.35
N THR B 40 21.83 7.81 13.26
CA THR B 40 20.51 7.40 12.76
C THR B 40 20.77 6.39 11.64
N SER B 41 19.76 5.56 11.35
CA SER B 41 19.99 4.44 10.44
C SER B 41 19.63 4.83 8.99
N ASN B 42 20.54 4.54 8.08
CA ASN B 42 20.42 4.75 6.64
C ASN B 42 19.79 6.09 6.25
N PRO B 43 20.31 7.22 6.74
CA PRO B 43 19.73 8.53 6.35
C PRO B 43 20.21 8.93 4.96
N SER B 44 19.55 8.37 3.93
CA SER B 44 20.12 8.36 2.59
C SER B 44 19.76 9.57 1.74
N TYR B 45 18.76 10.36 2.13
CA TYR B 45 18.33 11.49 1.34
C TYR B 45 17.87 12.60 2.27
N LEU B 46 18.28 13.83 1.98
CA LEU B 46 18.10 14.98 2.85
C LEU B 46 17.22 16.04 2.20
N THR B 47 16.24 16.56 2.96
CA THR B 47 15.32 17.57 2.47
C THR B 47 15.25 18.68 3.51
N PHE B 48 15.61 19.91 3.12
CA PHE B 48 15.50 21.06 4.02
C PHE B 48 14.22 21.84 3.78
N ALA B 49 13.63 22.34 4.86
CA ALA B 49 12.64 23.39 4.76
C ALA B 49 13.29 24.66 4.22
N PRO B 50 12.51 25.56 3.63
CA PRO B 50 13.10 26.77 3.02
C PRO B 50 13.96 27.61 3.97
N ASP B 51 13.74 27.55 5.28
CA ASP B 51 14.58 28.28 6.22
C ASP B 51 15.89 27.58 6.52
N GLN B 52 16.12 26.41 5.93
CA GLN B 52 17.38 25.67 6.03
C GLN B 52 17.76 25.36 7.47
N ARG B 53 16.79 25.36 8.38
CA ARG B 53 17.02 25.00 9.76
C ARG B 53 16.20 23.80 10.22
N THR B 54 15.27 23.32 9.40
CA THR B 54 14.58 22.07 9.68
C THR B 54 14.94 21.07 8.59
N LEU B 55 15.45 19.92 8.99
CA LEU B 55 15.92 18.90 8.06
C LEU B 55 15.01 17.68 8.15
N PHE B 56 14.57 17.18 6.99
CA PHE B 56 13.78 15.96 6.92
C PHE B 56 14.61 14.88 6.26
N VAL B 57 14.67 13.73 6.91
CA VAL B 57 15.60 12.67 6.55
C VAL B 57 14.80 11.40 6.35
N VAL B 58 15.09 10.65 5.29
CA VAL B 58 14.48 9.34 5.08
C VAL B 58 15.46 8.31 5.60
N ASN B 59 14.93 7.34 6.30
CA ASN B 59 15.71 6.23 6.88
C ASN B 59 15.47 4.99 6.02
N GLU B 60 16.39 4.74 5.09
CA GLU B 60 16.15 3.77 4.00
C GLU B 60 16.43 2.34 4.49
N ASN B 61 15.60 1.90 5.43
CA ASN B 61 15.70 0.58 6.03
C ASN B 61 14.77 -0.40 5.32
N GLY B 62 15.12 -1.68 5.37
CA GLY B 62 14.30 -2.72 4.77
C GLY B 62 14.48 -4.04 5.49
N ARG B 63 13.65 -5.01 5.09
CA ARG B 63 13.52 -6.24 5.87
C ARG B 63 14.83 -7.03 5.91
N GLY B 64 15.70 -6.87 4.92
CA GLY B 64 16.92 -7.65 5.02
C GLY B 64 18.04 -7.02 5.82
N GLY B 65 17.78 -5.92 6.53
CA GLY B 65 18.88 -5.11 7.04
C GLY B 65 19.44 -5.62 8.35
N LYS B 66 20.72 -5.30 8.57
CA LYS B 66 21.27 -5.27 9.91
C LYS B 66 20.70 -4.06 10.63
N GLY B 67 20.36 -4.23 11.89
CA GLY B 67 19.75 -3.14 12.62
C GLY B 67 18.29 -2.91 12.26
N ASP B 68 17.90 -1.64 12.18
CA ASP B 68 16.50 -1.27 11.92
C ASP B 68 16.05 -1.79 10.56
N THR B 69 14.86 -2.40 10.52
CA THR B 69 14.37 -3.05 9.30
C THR B 69 13.09 -2.43 8.73
N VAL B 70 12.59 -1.35 9.30
CA VAL B 70 11.35 -0.76 8.82
C VAL B 70 11.66 0.65 8.34
N GLY B 71 11.03 1.05 7.24
CA GLY B 71 11.30 2.38 6.69
C GLY B 71 10.76 3.46 7.62
N ARG B 72 11.53 4.54 7.76
CA ARG B 72 11.13 5.65 8.63
C ARG B 72 11.47 6.98 7.97
N ALA B 73 10.92 8.04 8.58
CA ALA B 73 11.32 9.41 8.30
C ALA B 73 11.60 10.10 9.62
N THR B 74 12.62 10.95 9.64
CA THR B 74 13.07 11.65 10.84
C THR B 74 13.26 13.12 10.50
N SER B 75 12.87 14.01 11.41
CA SER B 75 13.08 15.43 11.22
C SER B 75 14.03 15.97 12.29
N TYR B 76 14.71 17.07 11.94
CA TYR B 76 15.83 17.59 12.72
C TYR B 76 15.78 19.10 12.76
N ARG B 77 16.40 19.66 13.80
CA ARG B 77 16.61 21.08 13.88
C ARG B 77 18.11 21.18 13.60
N PHE B 78 18.48 22.08 12.74
CA PHE B 78 19.85 22.26 12.30
C PHE B 78 20.31 23.67 12.65
N ASP B 79 21.50 23.75 13.25
CA ASP B 79 22.13 25.03 13.56
C ASP B 79 23.28 25.25 12.60
N PRO B 80 23.15 26.12 11.60
CA PRO B 80 24.23 26.29 10.61
C PRO B 80 25.48 26.93 11.17
N ILE B 81 25.45 27.44 12.40
CA ILE B 81 26.67 27.99 12.99
C ILE B 81 27.53 26.88 13.56
N SER B 82 27.01 26.13 14.52
CA SER B 82 27.75 25.01 15.08
C SER B 82 27.68 23.76 14.22
N GLY B 83 26.79 23.73 13.21
CA GLY B 83 26.61 22.52 12.44
C GLY B 83 25.89 21.41 13.17
N ARG B 84 25.31 21.70 14.34
CA ARG B 84 24.72 20.66 15.17
C ARG B 84 23.30 20.34 14.74
N LEU B 85 22.93 19.08 14.91
CA LEU B 85 21.61 18.56 14.54
C LEU B 85 20.93 18.03 15.79
N GLN B 86 19.65 18.38 15.95
CA GLN B 86 18.85 17.93 17.06
C GLN B 86 17.61 17.23 16.52
N GLN B 87 17.43 15.97 16.89
CA GLN B 87 16.30 15.19 16.39
C GLN B 87 14.99 15.69 16.98
N ILE B 88 13.98 15.89 16.14
CA ILE B 88 12.67 16.38 16.54
C ILE B 88 11.64 15.26 16.63
N SER B 89 11.51 14.46 15.58
CA SER B 89 10.48 13.42 15.51
C SER B 89 10.95 12.32 14.58
N GLN B 90 10.29 11.16 14.66
CA GLN B 90 10.62 10.01 13.80
C GLN B 90 9.38 9.13 13.69
N VAL B 91 8.91 8.88 12.47
CA VAL B 91 7.71 8.08 12.22
C VAL B 91 8.00 7.07 11.10
N GLN B 92 7.15 6.07 11.00
CA GLN B 92 7.27 5.06 9.97
C GLN B 92 6.68 5.54 8.65
N THR B 93 7.25 5.06 7.55
CA THR B 93 6.72 5.36 6.21
C THR B 93 5.83 4.25 5.66
N LEU B 94 5.69 3.14 6.38
CA LEU B 94 4.83 2.00 6.08
C LEU B 94 5.30 1.17 4.90
N ALA B 95 6.54 1.31 4.45
CA ALA B 95 7.09 0.39 3.46
C ALA B 95 8.62 0.48 3.52
N ASP B 96 9.28 -0.52 2.94
CA ASP B 96 10.73 -0.60 3.00
C ASP B 96 11.39 0.46 2.11
N HIS B 97 12.61 0.82 2.46
CA HIS B 97 13.49 1.65 1.63
C HIS B 97 12.87 2.97 1.15
N PRO B 98 12.36 3.80 2.06
CA PRO B 98 12.06 5.17 1.65
C PRO B 98 13.38 5.83 1.24
N THR B 99 13.37 6.44 0.06
CA THR B 99 14.62 6.80 -0.61
C THR B 99 14.65 8.24 -1.10
N TYR B 100 13.56 8.99 -0.97
CA TYR B 100 13.44 10.33 -1.48
C TYR B 100 12.28 10.99 -0.75
N SER B 101 12.38 12.29 -0.50
CA SER B 101 11.26 13.02 0.09
C SER B 101 11.24 14.44 -0.45
N SER B 102 10.06 15.06 -0.39
CA SER B 102 9.92 16.46 -0.74
C SER B 102 8.77 17.05 0.08
N LEU B 103 8.88 18.35 0.37
CA LEU B 103 7.82 19.06 1.09
C LEU B 103 6.83 19.64 0.09
N SER B 104 5.54 19.57 0.44
CA SER B 104 4.54 20.32 -0.31
C SER B 104 4.86 21.80 -0.27
N HIS B 105 4.47 22.52 -1.32
CA HIS B 105 4.87 23.90 -1.43
C HIS B 105 4.16 24.80 -0.44
N ASP B 106 3.14 24.29 0.27
CA ASP B 106 2.57 25.00 1.41
C ASP B 106 3.14 24.52 2.74
N GLY B 107 4.01 23.52 2.72
CA GLY B 107 4.70 23.08 3.92
C GLY B 107 3.91 22.16 4.84
N ARG B 108 2.74 21.70 4.45
CA ARG B 108 1.94 20.89 5.30
C ARG B 108 2.20 19.42 5.29
N TYR B 109 2.86 18.94 4.24
CA TYR B 109 3.09 17.51 4.11
C TYR B 109 4.52 17.25 3.62
N LEU B 110 5.05 16.11 4.02
CA LEU B 110 6.27 15.56 3.44
C LEU B 110 5.87 14.35 2.62
N PHE B 111 6.05 14.43 1.32
CA PHE B 111 5.87 13.28 0.43
C PHE B 111 7.11 12.40 0.48
N VAL B 112 6.90 11.09 0.55
CA VAL B 112 7.99 10.12 0.68
C VAL B 112 7.85 9.09 -0.43
N ALA B 113 8.96 8.78 -1.10
CA ALA B 113 9.03 7.70 -2.09
C ALA B 113 9.56 6.44 -1.40
N ASN B 114 8.67 5.50 -1.09
CA ASN B 114 9.08 4.18 -0.61
C ASN B 114 9.47 3.33 -1.80
N TYR B 115 10.76 3.05 -1.95
CA TYR B 115 11.25 2.23 -3.06
C TYR B 115 10.84 0.77 -2.82
N SER B 116 11.25 0.24 -1.67
CA SER B 116 10.93 -1.13 -1.30
C SER B 116 11.31 -2.32 -2.18
N VAL B 117 12.58 -2.69 -2.13
CA VAL B 117 13.09 -3.83 -2.90
C VAL B 117 12.16 -5.03 -3.02
N GLN B 118 11.52 -5.41 -1.92
CA GLN B 118 10.49 -6.44 -1.96
C GLN B 118 9.14 -5.76 -2.10
N PRO B 119 8.10 -6.47 -2.56
CA PRO B 119 6.79 -5.82 -2.69
C PRO B 119 6.35 -5.28 -1.33
N GLU B 120 5.77 -4.06 -1.30
CA GLU B 120 5.50 -3.14 -2.40
C GLU B 120 5.97 -1.72 -2.09
N GLY B 121 6.43 -0.97 -3.10
CA GLY B 121 6.74 0.44 -2.90
C GLY B 121 5.47 1.30 -2.94
N SER B 122 5.65 2.59 -2.65
CA SER B 122 4.48 3.47 -2.60
C SER B 122 4.92 4.92 -2.45
N VAL B 123 3.98 5.81 -2.75
CA VAL B 123 4.03 7.17 -2.24
C VAL B 123 3.37 7.17 -0.86
N ALA B 124 4.09 7.68 0.15
CA ALA B 124 3.53 7.89 1.48
C ALA B 124 3.44 9.39 1.76
N VAL B 125 2.39 9.79 2.46
CA VAL B 125 2.10 11.20 2.73
C VAL B 125 2.12 11.41 4.24
N LEU B 126 3.08 12.20 4.70
CA LEU B 126 3.29 12.46 6.11
C LEU B 126 3.02 13.92 6.46
N PRO B 127 2.06 14.11 7.43
CA PRO B 127 1.81 15.49 7.81
C PRO B 127 2.99 16.08 8.53
N VAL B 128 3.18 17.36 8.30
CA VAL B 128 4.24 18.13 8.92
C VAL B 128 3.64 19.26 9.74
N ARG B 129 4.02 19.32 11.00
CA ARG B 129 3.55 20.37 11.89
C ARG B 129 4.43 21.59 11.79
N ALA B 130 3.86 22.71 12.14
CA ALA B 130 4.57 23.97 11.95
C ALA B 130 5.88 24.03 12.73
N ASP B 131 6.12 23.12 13.67
CA ASP B 131 7.37 23.08 14.42
C ASP B 131 8.38 22.10 13.84
N GLY B 132 8.11 21.52 12.68
CA GLY B 132 9.00 20.57 12.06
C GLY B 132 8.75 19.12 12.43
N SER B 133 7.82 18.84 13.33
CA SER B 133 7.56 17.46 13.74
C SER B 133 6.69 16.75 12.70
N LEU B 134 6.99 15.47 12.47
CA LEU B 134 6.21 14.66 11.54
C LEU B 134 5.12 13.91 12.28
N ALA B 135 3.95 13.82 11.63
CA ALA B 135 2.84 13.00 12.07
C ALA B 135 2.85 11.66 11.34
N PRO B 136 2.11 10.67 11.83
CA PRO B 136 2.06 9.37 11.14
C PRO B 136 1.41 9.50 9.77
N VAL B 137 1.70 8.50 8.91
CA VAL B 137 1.25 8.53 7.52
C VAL B 137 -0.27 8.61 7.45
N VAL B 138 -0.77 9.46 6.54
CA VAL B 138 -2.20 9.58 6.29
C VAL B 138 -2.64 9.02 4.95
N GLN B 139 -1.71 8.69 4.05
CA GLN B 139 -2.08 8.18 2.73
C GLN B 139 -0.90 7.37 2.18
N VAL B 140 -1.20 6.21 1.62
CA VAL B 140 -0.21 5.33 0.99
C VAL B 140 -0.76 4.91 -0.36
N GLU B 141 0.04 5.10 -1.43
CA GLU B 141 -0.41 4.71 -2.77
C GLU B 141 0.63 3.81 -3.43
N SER B 142 0.28 2.53 -3.61
CA SER B 142 1.09 1.58 -4.36
C SER B 142 0.63 1.50 -5.82
N HIS B 143 1.42 0.81 -6.64
CA HIS B 143 1.23 0.88 -8.09
C HIS B 143 1.42 -0.51 -8.70
N GLN B 144 0.73 -0.74 -9.81
CA GLN B 144 0.94 -1.94 -10.62
C GLN B 144 2.23 -1.81 -11.43
N ALA B 145 3.00 -2.89 -11.47
CA ALA B 145 4.31 -2.89 -12.09
C ALA B 145 4.21 -3.36 -13.54
N SER B 146 5.19 -2.97 -14.34
CA SER B 146 5.16 -3.34 -15.75
C SER B 146 5.58 -4.78 -16.06
N LYS B 147 6.34 -5.33 -15.17
CA LYS B 147 6.82 -6.70 -15.28
C LYS B 147 7.76 -6.99 -16.50
N VAL B 148 8.45 -6.00 -17.03
CA VAL B 148 9.28 -6.20 -18.17
C VAL B 148 10.66 -6.65 -17.76
N HIS B 149 11.34 -5.86 -16.96
CA HIS B 149 12.65 -6.12 -16.42
C HIS B 149 12.51 -6.86 -15.09
N PRO B 150 13.57 -7.67 -14.79
CA PRO B 150 13.49 -8.38 -13.50
C PRO B 150 13.23 -7.48 -12.27
N ARG B 151 13.62 -6.23 -12.32
CA ARG B 151 13.40 -5.37 -11.15
C ARG B 151 12.03 -4.72 -11.22
N GLN B 152 11.22 -5.19 -12.13
CA GLN B 152 9.90 -4.58 -12.35
C GLN B 152 8.76 -5.55 -12.02
N VAL B 153 8.97 -6.45 -11.10
CA VAL B 153 7.94 -7.33 -10.68
C VAL B 153 7.01 -6.73 -9.60
N SER B 154 7.42 -5.62 -9.02
CA SER B 154 6.60 -4.91 -8.09
C SER B 154 6.88 -3.42 -8.27
N GLY B 155 6.08 -2.61 -7.61
CA GLY B 155 6.19 -1.18 -7.68
C GLY B 155 7.30 -0.60 -6.85
N HIS B 156 8.03 0.36 -7.41
CA HIS B 156 9.15 1.00 -6.76
C HIS B 156 9.14 2.53 -7.04
N VAL B 157 8.61 3.30 -6.12
CA VAL B 157 8.58 4.75 -6.27
C VAL B 157 9.98 5.27 -5.90
N HIS B 158 10.59 6.01 -6.79
CA HIS B 158 11.95 6.44 -6.56
C HIS B 158 12.10 7.94 -6.31
N SER B 159 11.06 8.74 -6.55
CA SER B 159 11.09 10.15 -6.17
C SER B 159 9.66 10.67 -6.14
N VAL B 160 9.49 11.84 -5.50
CA VAL B 160 8.20 12.52 -5.38
C VAL B 160 8.51 14.00 -5.53
N VAL B 161 8.01 14.62 -6.59
CA VAL B 161 8.43 15.95 -7.02
C VAL B 161 7.20 16.78 -7.34
N SER B 162 7.11 17.96 -6.72
CA SER B 162 5.99 18.85 -6.98
C SER B 162 6.20 19.60 -8.29
N SER B 163 5.09 19.89 -8.98
CA SER B 163 5.13 20.85 -10.06
C SER B 163 5.63 22.19 -9.55
N PRO B 164 6.16 23.02 -10.44
CA PRO B 164 6.66 24.34 -10.01
C PRO B 164 5.63 25.19 -9.27
N ASP B 165 4.34 25.10 -9.63
CA ASP B 165 3.31 25.82 -8.90
C ASP B 165 2.78 25.05 -7.70
N GLY B 166 3.29 23.84 -7.46
CA GLY B 166 2.91 23.05 -6.30
C GLY B 166 1.56 22.39 -6.35
N GLN B 167 0.84 22.50 -7.47
CA GLN B 167 -0.51 21.95 -7.56
C GLN B 167 -0.51 20.45 -7.86
N TYR B 168 0.57 19.92 -8.39
CA TYR B 168 0.62 18.51 -8.78
C TYR B 168 1.87 17.87 -8.19
N LEU B 169 1.76 16.58 -7.88
CA LEU B 169 2.89 15.80 -7.39
C LEU B 169 3.17 14.66 -8.37
N PHE B 170 4.42 14.59 -8.83
CA PHE B 170 4.84 13.57 -9.78
C PHE B 170 5.63 12.49 -9.05
N ALA B 171 5.39 11.23 -9.41
CA ALA B 171 6.00 10.10 -8.70
C ALA B 171 6.50 9.08 -9.71
N PRO B 172 7.73 9.24 -10.19
CA PRO B 172 8.33 8.22 -11.06
C PRO B 172 8.37 6.88 -10.33
N ASP B 173 7.84 5.85 -10.98
CA ASP B 173 7.86 4.51 -10.41
C ASP B 173 8.72 3.63 -11.33
N LEU B 174 9.88 3.23 -10.82
CA LEU B 174 10.81 2.43 -11.63
C LEU B 174 10.22 1.08 -11.99
N GLY B 175 9.38 0.51 -11.12
CA GLY B 175 8.76 -0.76 -11.43
C GLY B 175 7.66 -0.66 -12.46
N ALA B 176 7.07 0.52 -12.65
CA ALA B 176 5.84 0.65 -13.43
C ALA B 176 6.04 1.19 -14.85
N ASP B 177 7.23 1.72 -15.17
CA ASP B 177 7.44 2.46 -16.42
C ASP B 177 6.43 3.60 -16.55
N LYS B 178 6.12 4.24 -15.44
CA LYS B 178 5.15 5.33 -15.41
C LYS B 178 5.63 6.38 -14.43
N VAL B 179 5.39 7.65 -14.76
CA VAL B 179 5.44 8.73 -13.78
C VAL B 179 4.00 8.99 -13.37
N PHE B 180 3.66 8.69 -12.13
CA PHE B 180 2.29 8.89 -11.70
C PHE B 180 2.06 10.36 -11.36
N VAL B 181 0.87 10.85 -11.70
CA VAL B 181 0.54 12.26 -11.52
C VAL B 181 -0.62 12.36 -10.54
N TYR B 182 -0.43 13.12 -9.48
CA TYR B 182 -1.45 13.39 -8.48
C TYR B 182 -1.70 14.88 -8.40
N ARG B 183 -2.95 15.22 -8.14
CA ARG B 183 -3.29 16.59 -7.87
C ARG B 183 -3.18 16.75 -6.37
N TYR B 184 -2.52 17.79 -5.92
CA TYR B 184 -2.36 18.02 -4.52
C TYR B 184 -3.47 18.95 -4.06
N ALA B 185 -4.39 18.42 -3.32
CA ALA B 185 -5.53 19.16 -2.95
C ALA B 185 -5.80 18.87 -1.56
N PRO B 186 -4.98 19.49 -0.71
CA PRO B 186 -4.99 19.29 0.72
C PRO B 186 -6.13 19.88 1.49
N GLU B 187 -7.15 20.40 0.83
CA GLU B 187 -8.31 20.80 1.55
C GLU B 187 -8.92 19.51 2.13
N GLN B 188 -8.27 18.35 1.90
CA GLN B 188 -8.65 17.05 2.36
C GLN B 188 -7.57 16.39 3.20
N ALA B 189 -7.63 16.68 4.47
CA ALA B 189 -6.68 16.15 5.40
C ALA B 189 -6.76 14.65 5.45
N GLU B 190 -7.87 14.14 4.95
CA GLU B 190 -8.07 12.73 4.97
C GLU B 190 -7.36 12.01 3.86
N ARG B 191 -7.24 12.65 2.70
CA ARG B 191 -6.53 12.13 1.53
C ARG B 191 -6.10 13.40 0.77
N PRO B 192 -4.80 13.67 0.74
CA PRO B 192 -4.35 14.92 0.08
C PRO B 192 -3.96 14.80 -1.39
N LEU B 193 -3.66 13.60 -1.83
CA LEU B 193 -3.33 13.39 -3.19
C LEU B 193 -4.48 12.69 -3.91
N GLN B 194 -4.94 13.25 -4.99
CA GLN B 194 -5.98 12.67 -5.81
C GLN B 194 -5.40 12.34 -7.18
N ALA B 195 -5.71 11.18 -7.73
CA ALA B 195 -5.20 10.83 -9.03
C ALA B 195 -5.64 11.81 -10.09
N ALA B 196 -4.73 12.26 -10.93
CA ALA B 196 -5.04 13.22 -11.93
C ALA B 196 -5.55 12.59 -13.20
N ASP B 197 -5.83 13.43 -14.17
CA ASP B 197 -6.27 12.95 -15.43
C ASP B 197 -5.49 13.59 -16.51
N PRO B 198 -4.60 12.83 -17.28
CA PRO B 198 -4.44 11.39 -16.95
C PRO B 198 -3.64 11.08 -15.68
N ALA B 199 -3.78 9.88 -15.16
CA ALA B 199 -3.17 9.57 -13.87
C ALA B 199 -1.68 9.28 -13.97
N PHE B 200 -1.13 9.19 -15.17
CA PHE B 200 0.28 8.86 -15.29
C PHE B 200 0.80 9.32 -16.65
N VAL B 201 2.11 9.48 -16.73
CA VAL B 201 2.84 9.69 -17.98
C VAL B 201 3.66 8.42 -18.24
N PRO B 202 3.47 7.73 -19.36
CA PRO B 202 4.21 6.49 -19.59
C PRO B 202 5.61 6.76 -20.12
N THR B 203 6.49 5.79 -19.86
CA THR B 203 7.86 5.81 -20.38
C THR B 203 8.10 4.47 -21.05
N PRO B 204 9.20 4.31 -21.80
CA PRO B 204 9.35 3.09 -22.60
C PRO B 204 9.36 1.86 -21.71
N PRO B 205 8.89 0.73 -22.24
CA PRO B 205 8.89 -0.50 -21.46
C PRO B 205 10.31 -0.89 -21.04
N GLY B 206 10.47 -1.17 -19.73
CA GLY B 206 11.75 -1.54 -19.19
C GLY B 206 12.73 -0.40 -18.99
N SER B 207 12.24 0.85 -18.99
CA SER B 207 13.14 1.99 -18.83
C SER B 207 13.39 2.33 -17.37
N GLY B 208 12.42 2.18 -16.50
CA GLY B 208 12.67 2.42 -15.10
C GLY B 208 12.85 3.84 -14.61
N PRO B 209 11.69 4.56 -14.76
CA PRO B 209 11.75 5.95 -14.31
C PRO B 209 12.16 6.12 -12.80
N ARG B 210 13.03 7.08 -12.59
CA ARG B 210 13.69 7.32 -11.32
C ARG B 210 13.56 8.71 -10.68
N HIS B 211 14.37 9.65 -11.12
CA HIS B 211 14.35 11.02 -10.60
C HIS B 211 13.85 12.02 -11.63
N LEU B 212 13.03 12.93 -11.18
CA LEU B 212 12.49 13.99 -12.05
C LEU B 212 12.81 15.34 -11.46
N ILE B 213 13.18 16.30 -12.32
CA ILE B 213 13.36 17.68 -11.91
C ILE B 213 12.68 18.58 -12.94
N PHE B 214 12.42 19.82 -12.53
CA PHE B 214 11.84 20.84 -13.42
C PHE B 214 12.85 21.95 -13.67
N SER B 215 12.75 22.59 -14.84
CA SER B 215 13.54 23.78 -15.12
C SER B 215 13.04 24.95 -14.26
N ALA B 216 13.88 25.98 -14.15
CA ALA B 216 13.57 27.10 -13.26
C ALA B 216 12.27 27.80 -13.66
N ASP B 217 12.07 28.01 -14.96
CA ASP B 217 10.86 28.64 -15.47
C ASP B 217 9.66 27.69 -15.52
N GLY B 218 9.84 26.43 -15.12
CA GLY B 218 8.74 25.50 -15.07
C GLY B 218 8.29 24.92 -16.40
N ARG B 219 8.97 25.26 -17.50
CA ARG B 219 8.48 24.87 -18.81
C ARG B 219 8.94 23.47 -19.24
N PHE B 220 9.96 22.92 -18.62
CA PHE B 220 10.45 21.60 -18.99
C PHE B 220 10.72 20.75 -17.75
N ALA B 221 10.71 19.44 -17.96
CA ALA B 221 11.07 18.46 -16.94
C ALA B 221 12.07 17.47 -17.52
N TYR B 222 12.97 16.98 -16.65
CA TYR B 222 14.04 16.07 -17.03
C TYR B 222 13.95 14.86 -16.13
N LEU B 223 14.06 13.67 -16.71
CA LEU B 223 13.79 12.44 -15.99
C LEU B 223 14.86 11.40 -16.29
N THR B 224 15.41 10.79 -15.25
CA THR B 224 16.32 9.67 -15.47
C THR B 224 15.54 8.37 -15.58
N LEU B 225 16.00 7.52 -16.51
CA LEU B 225 15.45 6.19 -16.76
C LEU B 225 16.54 5.22 -16.33
N GLU B 226 16.41 4.70 -15.11
CA GLU B 226 17.50 3.94 -14.52
C GLU B 226 17.87 2.73 -15.36
N LEU B 227 16.87 1.91 -15.71
CA LEU B 227 17.17 0.59 -16.24
C LEU B 227 17.70 0.66 -17.66
N SER B 228 17.29 1.65 -18.43
CA SER B 228 17.81 1.81 -19.78
C SER B 228 19.03 2.73 -19.82
N GLY B 229 19.41 3.34 -18.71
CA GLY B 229 20.53 4.26 -18.68
C GLY B 229 20.35 5.47 -19.57
N GLN B 230 19.21 6.16 -19.46
CA GLN B 230 18.90 7.29 -20.32
C GLN B 230 18.41 8.46 -19.48
N VAL B 231 18.33 9.61 -20.13
CA VAL B 231 17.64 10.78 -19.60
C VAL B 231 16.58 11.19 -20.62
N MET B 232 15.40 11.56 -20.12
CA MET B 232 14.26 11.89 -20.96
C MET B 232 13.88 13.34 -20.72
N VAL B 233 13.50 14.05 -21.78
CA VAL B 233 13.10 15.45 -21.71
C VAL B 233 11.61 15.58 -22.00
N PHE B 234 10.92 16.39 -21.19
CA PHE B 234 9.48 16.62 -21.37
C PHE B 234 9.21 18.12 -21.48
N ALA B 235 8.25 18.47 -22.33
CA ALA B 235 7.63 19.78 -22.24
C ALA B 235 6.55 19.74 -21.14
N HIS B 236 6.60 20.70 -20.22
CA HIS B 236 5.61 20.77 -19.16
C HIS B 236 4.50 21.70 -19.61
N GLU B 237 3.39 21.13 -19.98
CA GLU B 237 2.29 21.88 -20.52
C GLU B 237 1.35 22.40 -19.47
N GLY B 238 1.62 22.12 -18.23
CA GLY B 238 0.78 22.59 -17.13
C GLY B 238 -0.31 21.60 -16.80
N ASN B 239 -0.91 21.76 -15.64
CA ASN B 239 -1.98 20.89 -15.19
C ASN B 239 -1.69 19.40 -15.25
N GLY B 240 -0.54 19.01 -14.75
CA GLY B 240 -0.17 17.62 -14.71
C GLY B 240 0.20 16.97 -15.98
N ARG B 241 0.44 17.74 -17.02
CA ARG B 241 0.76 17.19 -18.30
C ARG B 241 2.23 17.31 -18.74
N LEU B 242 2.81 16.23 -19.21
CA LEU B 242 4.19 16.23 -19.67
C LEU B 242 4.23 15.63 -21.07
N ARG B 243 4.69 16.41 -22.03
CA ARG B 243 4.83 15.96 -23.42
C ARG B 243 6.27 15.56 -23.66
N GLN B 244 6.48 14.30 -24.01
CA GLN B 244 7.82 13.78 -24.19
C GLN B 244 8.48 14.38 -25.43
N LEU B 245 9.72 14.84 -25.29
CA LEU B 245 10.44 15.55 -26.34
C LEU B 245 11.67 14.80 -26.85
N GLN B 246 12.49 14.26 -25.94
CA GLN B 246 13.81 13.77 -26.31
C GLN B 246 14.27 12.73 -25.31
N THR B 247 14.96 11.70 -25.80
CA THR B 247 15.61 10.70 -24.96
C THR B 247 17.07 10.61 -25.35
N HIS B 248 17.95 10.52 -24.37
CA HIS B 248 19.38 10.44 -24.66
C HIS B 248 20.03 9.33 -23.84
N ASP B 249 20.88 8.54 -24.50
CA ASP B 249 21.68 7.55 -23.79
C ASP B 249 22.78 8.24 -22.99
N LEU B 250 23.15 7.63 -21.88
CA LEU B 250 24.26 8.12 -21.06
C LEU B 250 25.56 7.39 -21.34
N ALA B 251 25.50 6.09 -21.60
CA ALA B 251 26.69 5.29 -21.83
C ALA B 251 27.09 5.36 -23.31
N PRO B 252 28.36 5.06 -23.63
CA PRO B 252 28.77 5.09 -25.04
C PRO B 252 28.11 3.99 -25.86
N ALA B 253 28.09 4.21 -27.16
CA ALA B 253 27.45 3.29 -28.10
C ALA B 253 28.01 1.89 -27.96
N GLY B 254 27.12 0.92 -27.81
CA GLY B 254 27.54 -0.46 -27.75
C GLY B 254 28.16 -0.86 -26.43
N PHE B 255 27.96 -0.06 -25.39
CA PHE B 255 28.48 -0.39 -24.06
C PHE B 255 28.03 -1.78 -23.62
N GLN B 256 28.96 -2.57 -23.06
CA GLN B 256 28.72 -3.98 -22.78
C GLN B 256 28.38 -4.26 -21.32
N GLY B 257 28.62 -3.32 -20.42
CA GLY B 257 28.40 -3.55 -19.00
C GLY B 257 27.05 -3.02 -18.53
N LYS B 258 26.85 -3.14 -17.23
CA LYS B 258 25.63 -2.63 -16.62
C LYS B 258 25.61 -1.11 -16.70
N VAL B 259 24.42 -0.55 -16.88
CA VAL B 259 24.19 0.88 -16.75
C VAL B 259 23.05 1.13 -15.77
N GLY B 260 23.10 2.29 -15.13
CA GLY B 260 22.02 2.67 -14.24
C GLY B 260 22.05 4.18 -14.25
N ALA B 261 20.97 4.82 -14.71
CA ALA B 261 20.95 6.27 -14.65
C ALA B 261 20.52 6.56 -13.23
N GLY B 262 21.01 7.66 -12.68
CA GLY B 262 20.75 7.94 -11.27
C GLY B 262 20.27 9.35 -11.02
N ALA B 263 21.08 10.13 -10.33
CA ALA B 263 20.71 11.49 -9.96
C ALA B 263 20.89 12.43 -11.14
N LEU B 264 20.12 13.53 -11.12
CA LEU B 264 20.30 14.59 -12.11
C LEU B 264 20.01 15.94 -11.48
N HIS B 265 20.75 16.96 -11.92
CA HIS B 265 20.58 18.31 -11.40
C HIS B 265 20.93 19.32 -12.48
N LEU B 266 20.23 20.46 -12.45
CA LEU B 266 20.56 21.58 -13.32
C LEU B 266 21.51 22.53 -12.60
N SER B 267 22.38 23.16 -13.36
CA SER B 267 23.23 24.19 -12.79
C SER B 267 22.39 25.44 -12.44
N ALA B 268 22.96 26.28 -11.58
CA ALA B 268 22.23 27.42 -11.05
C ALA B 268 21.83 28.41 -12.14
N ASP B 269 22.52 28.43 -13.27
CA ASP B 269 22.15 29.29 -14.38
C ASP B 269 21.21 28.62 -15.36
N GLY B 270 20.82 27.38 -15.09
CA GLY B 270 19.95 26.67 -16.01
C GLY B 270 20.60 26.24 -17.30
N ARG B 271 21.92 26.43 -17.47
CA ARG B 271 22.54 26.17 -18.77
C ARG B 271 23.08 24.75 -18.92
N PHE B 272 23.23 24.00 -17.82
CA PHE B 272 23.76 22.64 -17.92
C PHE B 272 22.95 21.70 -17.05
N LEU B 273 22.89 20.44 -17.51
CA LEU B 273 22.30 19.34 -16.75
C LEU B 273 23.37 18.28 -16.53
N GLY B 274 23.59 17.92 -15.27
CA GLY B 274 24.44 16.79 -14.93
C GLY B 274 23.60 15.56 -14.61
N VAL B 275 23.99 14.41 -15.13
CA VAL B 275 23.34 13.15 -14.90
C VAL B 275 24.40 12.09 -14.55
N LEU B 276 24.18 11.31 -13.51
CA LEU B 276 25.08 10.23 -13.22
C LEU B 276 24.61 8.90 -13.87
N ASN B 277 25.58 8.12 -14.32
CA ASN B 277 25.36 6.80 -14.82
C ASN B 277 26.24 5.87 -13.95
N ARG B 278 25.60 4.88 -13.34
CA ARG B 278 26.22 3.94 -12.48
C ARG B 278 26.63 2.62 -13.16
N GLY B 279 26.24 1.51 -12.58
CA GLY B 279 26.57 0.22 -13.14
C GLY B 279 28.07 0.05 -13.27
N ASP B 280 28.45 -0.32 -14.47
CA ASP B 280 29.86 -0.50 -14.81
C ASP B 280 30.45 0.73 -15.49
N ASP B 281 29.64 1.77 -15.66
CA ASP B 281 30.07 2.97 -16.33
C ASP B 281 30.66 3.99 -15.37
N ASN B 282 29.88 4.36 -14.38
CA ASN B 282 30.35 5.25 -13.35
C ASN B 282 30.88 6.63 -13.71
N GLN B 283 30.03 7.34 -14.42
CA GLN B 283 30.31 8.67 -14.91
C GLN B 283 29.34 9.76 -14.63
N LEU B 284 29.80 10.98 -14.70
CA LEU B 284 28.97 12.17 -14.66
C LEU B 284 28.88 12.71 -16.08
N VAL B 285 27.66 12.72 -16.63
CA VAL B 285 27.42 13.14 -18.01
C VAL B 285 26.85 14.54 -17.99
N THR B 286 27.46 15.45 -18.73
CA THR B 286 27.03 16.84 -18.78
C THR B 286 26.39 17.11 -20.12
N PHE B 287 25.21 17.75 -20.09
CA PHE B 287 24.53 18.23 -21.28
C PHE B 287 24.37 19.75 -21.20
N ALA B 288 24.50 20.43 -22.34
CA ALA B 288 24.08 21.82 -22.43
C ALA B 288 22.58 21.90 -22.64
N VAL B 289 21.95 22.89 -22.00
CA VAL B 289 20.49 23.02 -21.97
C VAL B 289 20.10 24.22 -22.84
N ASP B 290 19.23 23.97 -23.82
CA ASP B 290 18.66 25.03 -24.64
C ASP B 290 17.47 25.63 -23.88
N PRO B 291 17.58 26.85 -23.36
CA PRO B 291 16.54 27.34 -22.43
C PRO B 291 15.20 27.60 -23.09
N ALA B 292 15.14 27.83 -24.40
CA ALA B 292 13.88 28.07 -25.08
C ALA B 292 13.22 26.78 -25.54
N SER B 293 14.00 25.87 -26.14
CA SER B 293 13.49 24.59 -26.60
C SER B 293 13.54 23.49 -25.55
N GLY B 294 14.30 23.70 -24.47
CA GLY B 294 14.45 22.70 -23.44
C GLY B 294 15.36 21.54 -23.76
N GLN B 295 15.81 21.40 -25.01
CA GLN B 295 16.48 20.18 -25.43
C GLN B 295 17.96 20.15 -25.00
N LEU B 296 18.51 18.95 -24.95
CA LEU B 296 19.85 18.71 -24.41
C LEU B 296 20.85 18.42 -25.53
N ARG B 297 22.06 18.96 -25.36
CA ARG B 297 23.19 18.66 -26.25
C ARG B 297 24.31 18.07 -25.42
N PHE B 298 24.82 16.91 -25.84
CA PHE B 298 25.88 16.23 -25.09
C PHE B 298 27.14 17.10 -25.08
N VAL B 299 27.72 17.27 -23.90
CA VAL B 299 28.98 18.00 -23.74
C VAL B 299 30.13 17.05 -23.46
N GLU B 300 30.02 16.24 -22.41
CA GLU B 300 31.13 15.36 -22.04
C GLU B 300 30.64 14.30 -21.05
N ARG B 301 31.46 13.25 -20.94
CA ARG B 301 31.40 12.29 -19.85
C ARG B 301 32.65 12.45 -19.00
N ARG B 302 32.49 12.42 -17.69
CA ARG B 302 33.61 12.56 -16.75
C ARG B 302 33.59 11.40 -15.79
N SER B 303 34.71 10.68 -15.69
CA SER B 303 34.77 9.55 -14.78
C SER B 303 34.61 10.03 -13.35
N VAL B 304 33.77 9.33 -12.58
CA VAL B 304 33.65 9.71 -11.17
C VAL B 304 34.77 9.12 -10.34
N GLU B 305 35.58 8.25 -10.91
CA GLU B 305 36.76 7.68 -10.23
C GLU B 305 36.34 6.96 -8.93
N GLY B 306 35.30 6.15 -9.07
CA GLY B 306 34.75 5.37 -7.97
C GLY B 306 33.56 4.62 -8.51
N THR B 307 32.91 3.85 -7.64
CA THR B 307 31.79 3.02 -8.09
C THR B 307 30.51 3.38 -7.36
N GLU B 308 29.41 3.23 -8.09
CA GLU B 308 28.07 3.59 -7.65
C GLU B 308 27.93 5.05 -7.26
N PRO B 309 28.28 6.01 -8.13
CA PRO B 309 27.99 7.42 -7.80
C PRO B 309 26.50 7.62 -7.57
N ARG B 310 26.16 7.91 -6.33
CA ARG B 310 24.78 7.90 -5.88
C ARG B 310 24.14 9.29 -5.96
N GLU B 311 24.92 10.34 -5.71
CA GLU B 311 24.43 11.70 -5.80
C GLU B 311 25.60 12.59 -6.16
N PHE B 312 25.28 13.80 -6.60
CA PHE B 312 26.29 14.82 -6.84
C PHE B 312 25.66 16.17 -6.55
N ALA B 313 26.51 17.17 -6.32
CA ALA B 313 26.02 18.54 -6.16
C ALA B 313 26.98 19.50 -6.85
N PHE B 314 26.43 20.43 -7.62
CA PHE B 314 27.21 21.59 -8.02
C PHE B 314 27.45 22.46 -6.80
N SER B 315 28.68 22.97 -6.67
CA SER B 315 28.95 23.88 -5.57
C SER B 315 28.12 25.15 -5.75
N PRO B 316 27.84 25.87 -4.66
CA PRO B 316 27.01 27.09 -4.76
C PRO B 316 27.48 28.09 -5.81
N GLY B 317 28.79 28.23 -6.01
CA GLY B 317 29.29 29.13 -7.04
C GLY B 317 29.47 28.50 -8.40
N GLY B 318 29.29 27.20 -8.52
CA GLY B 318 29.42 26.52 -9.80
C GLY B 318 30.83 26.14 -10.19
N ARG B 319 31.83 26.44 -9.39
CA ARG B 319 33.20 26.20 -9.79
C ARG B 319 33.70 24.81 -9.39
N PHE B 320 32.87 24.03 -8.70
CA PHE B 320 33.21 22.67 -8.35
C PHE B 320 31.98 21.79 -8.52
N VAL B 321 32.21 20.50 -8.66
CA VAL B 321 31.16 19.51 -8.51
C VAL B 321 31.68 18.44 -7.56
N LEU B 322 30.80 17.99 -6.67
CA LEU B 322 31.08 16.98 -5.66
C LEU B 322 30.25 15.73 -5.95
N VAL B 323 30.88 14.57 -5.97
CA VAL B 323 30.19 13.30 -6.22
C VAL B 323 30.32 12.40 -5.00
N ALA B 324 29.22 11.76 -4.62
CA ALA B 324 29.21 10.77 -3.54
C ALA B 324 29.26 9.38 -4.16
N ASN B 325 30.42 8.73 -4.10
CA ASN B 325 30.61 7.40 -4.66
C ASN B 325 30.29 6.37 -3.58
N GLN B 326 29.07 5.90 -3.52
CA GLN B 326 28.55 4.97 -2.53
C GLN B 326 29.46 3.75 -2.35
N ASN B 327 29.69 2.97 -3.34
CA ASN B 327 30.39 1.69 -3.15
C ASN B 327 31.89 1.83 -3.00
N SER B 328 32.44 3.00 -3.31
CA SER B 328 33.86 3.27 -3.10
C SER B 328 34.14 3.95 -1.79
N ASP B 329 33.08 4.31 -1.04
CA ASP B 329 33.20 4.95 0.26
C ASP B 329 34.02 6.24 0.18
N GLN B 330 33.67 7.08 -0.79
CA GLN B 330 34.38 8.36 -0.98
C GLN B 330 33.45 9.44 -1.50
N LEU B 331 33.65 10.67 -1.02
CA LEU B 331 33.29 11.86 -1.76
C LEU B 331 34.47 12.29 -2.62
N ARG B 332 34.19 12.81 -3.82
CA ARG B 332 35.23 13.34 -4.68
C ARG B 332 34.84 14.74 -5.14
N VAL B 333 35.82 15.66 -5.10
CA VAL B 333 35.64 17.05 -5.51
C VAL B 333 36.39 17.26 -6.82
N PHE B 334 35.71 17.86 -7.80
CA PHE B 334 36.30 18.14 -9.10
C PHE B 334 36.22 19.64 -9.38
N ALA B 335 37.24 20.17 -10.06
CA ALA B 335 37.14 21.51 -10.58
C ALA B 335 36.10 21.55 -11.71
N ARG B 336 35.38 22.67 -11.83
CA ARG B 336 34.37 22.79 -12.87
C ARG B 336 34.42 24.18 -13.51
N ASP B 337 34.30 24.21 -14.83
CA ASP B 337 34.23 25.45 -15.57
C ASP B 337 32.76 25.81 -15.75
N PRO B 338 32.23 26.84 -15.07
CA PRO B 338 30.81 27.18 -15.22
C PRO B 338 30.43 27.66 -16.61
N GLN B 339 31.40 28.10 -17.40
CA GLN B 339 31.12 28.63 -18.73
C GLN B 339 30.90 27.50 -19.74
N SER B 340 31.86 26.59 -19.86
CA SER B 340 31.72 25.50 -20.80
C SER B 340 31.02 24.28 -20.19
N GLY B 341 30.83 24.27 -18.87
CA GLY B 341 30.23 23.14 -18.18
C GLY B 341 31.15 21.96 -17.99
N GLN B 342 32.37 22.04 -18.46
CA GLN B 342 33.32 20.97 -18.35
C GLN B 342 33.83 20.68 -16.94
N VAL B 343 33.96 19.41 -16.62
CA VAL B 343 34.39 18.97 -15.30
C VAL B 343 35.83 18.51 -15.44
N GLY B 344 36.72 19.19 -14.72
CA GLY B 344 38.13 18.99 -14.81
C GLY B 344 38.86 18.16 -13.81
N LYS B 345 39.95 18.67 -13.34
CA LYS B 345 40.80 17.96 -12.44
C LYS B 345 40.22 17.53 -11.13
N THR B 346 40.60 16.37 -10.69
CA THR B 346 40.19 15.89 -9.41
C THR B 346 41.02 16.66 -8.34
N LEU B 347 40.33 17.28 -7.41
CA LEU B 347 41.00 18.05 -6.37
C LEU B 347 41.17 17.44 -4.98
N GLN B 348 40.25 16.60 -4.63
CA GLN B 348 40.25 15.97 -3.35
C GLN B 348 39.28 14.80 -3.27
N SER B 349 39.55 13.87 -2.37
CA SER B 349 38.64 12.80 -2.08
C SER B 349 38.44 12.83 -0.57
N VAL B 350 37.33 12.31 -0.11
CA VAL B 350 37.02 12.23 1.31
C VAL B 350 36.58 10.83 1.59
N GLU B 351 37.12 10.17 2.60
CA GLU B 351 36.69 8.83 2.90
C GLU B 351 35.45 8.94 3.78
N VAL B 352 34.34 8.34 3.34
CA VAL B 352 33.05 8.37 4.03
C VAL B 352 32.39 7.03 3.78
N GLY B 353 31.81 6.42 4.82
CA GLY B 353 31.09 5.17 4.64
C GLY B 353 29.83 5.39 3.81
N SER B 354 29.73 4.71 2.66
CA SER B 354 28.53 4.64 1.83
C SER B 354 27.79 5.98 1.69
N PRO B 355 28.44 7.02 1.19
CA PRO B 355 27.78 8.32 1.07
C PRO B 355 26.71 8.38 -0.02
N SER B 356 25.54 8.93 0.33
CA SER B 356 24.44 8.92 -0.64
C SER B 356 23.72 10.23 -0.95
N ASP B 357 24.01 11.34 -0.26
CA ASP B 357 23.39 12.61 -0.62
C ASP B 357 24.28 13.72 -0.12
N LEU B 358 24.13 14.89 -0.73
CA LEU B 358 24.94 16.06 -0.41
C LEU B 358 24.05 17.28 -0.42
N ARG B 359 24.17 18.13 0.61
CA ARG B 359 23.38 19.35 0.70
C ARG B 359 24.23 20.46 1.32
N PHE B 360 24.21 21.64 0.69
CA PHE B 360 24.97 22.81 1.15
C PHE B 360 24.06 23.74 1.94
N VAL B 361 24.54 24.17 3.07
CA VAL B 361 23.91 25.16 3.90
C VAL B 361 24.98 26.14 4.36
N ALA B 362 24.80 27.38 3.98
CA ALA B 362 25.77 28.39 4.33
C ALA B 362 25.90 28.64 5.81
N VAL B 363 27.11 28.95 6.21
CA VAL B 363 27.42 29.31 7.58
C VAL B 363 27.24 30.83 7.66
N PRO B 364 26.31 31.26 8.57
CA PRO B 364 26.13 32.71 8.65
C PRO B 364 26.93 33.32 9.78
#